data_1DSL
# 
_entry.id   1DSL 
# 
_audit_conform.dict_name       mmcif_pdbx.dic 
_audit_conform.dict_version    5.385 
_audit_conform.dict_location   http://mmcif.pdb.org/dictionaries/ascii/mmcif_pdbx.dic 
# 
loop_
_database_2.database_id 
_database_2.database_code 
_database_2.pdbx_database_accession 
_database_2.pdbx_DOI 
PDB   1DSL         pdb_00001dsl 10.2210/pdb1dsl/pdb 
WWPDB D_1000172925 ?            ?                   
# 
loop_
_pdbx_audit_revision_history.ordinal 
_pdbx_audit_revision_history.data_content_type 
_pdbx_audit_revision_history.major_revision 
_pdbx_audit_revision_history.minor_revision 
_pdbx_audit_revision_history.revision_date 
1 'Structure model' 1 0 1996-07-11 
2 'Structure model' 1 1 2008-03-24 
3 'Structure model' 1 2 2011-07-13 
4 'Structure model' 1 3 2024-02-07 
# 
_pdbx_audit_revision_details.ordinal             1 
_pdbx_audit_revision_details.revision_ordinal    1 
_pdbx_audit_revision_details.data_content_type   'Structure model' 
_pdbx_audit_revision_details.provider            repository 
_pdbx_audit_revision_details.type                'Initial release' 
_pdbx_audit_revision_details.description         ? 
_pdbx_audit_revision_details.details             ? 
# 
loop_
_pdbx_audit_revision_group.ordinal 
_pdbx_audit_revision_group.revision_ordinal 
_pdbx_audit_revision_group.data_content_type 
_pdbx_audit_revision_group.group 
1 2 'Structure model' 'Version format compliance' 
2 3 'Structure model' 'Version format compliance' 
3 4 'Structure model' 'Data collection'           
4 4 'Structure model' 'Database references'       
5 4 'Structure model' Other                       
# 
loop_
_pdbx_audit_revision_category.ordinal 
_pdbx_audit_revision_category.revision_ordinal 
_pdbx_audit_revision_category.data_content_type 
_pdbx_audit_revision_category.category 
1 4 'Structure model' chem_comp_atom       
2 4 'Structure model' chem_comp_bond       
3 4 'Structure model' database_2           
4 4 'Structure model' pdbx_database_status 
# 
loop_
_pdbx_audit_revision_item.ordinal 
_pdbx_audit_revision_item.revision_ordinal 
_pdbx_audit_revision_item.data_content_type 
_pdbx_audit_revision_item.item 
1 4 'Structure model' '_database_2.pdbx_DOI'                
2 4 'Structure model' '_database_2.pdbx_database_accession' 
3 4 'Structure model' '_pdbx_database_status.process_site'  
# 
_pdbx_database_status.status_code                     REL 
_pdbx_database_status.entry_id                        1DSL 
_pdbx_database_status.recvd_initial_deposition_date   1996-02-01 
_pdbx_database_status.deposit_site                    ? 
_pdbx_database_status.process_site                    BNL 
_pdbx_database_status.SG_entry                        . 
_pdbx_database_status.pdb_format_compatible           Y 
_pdbx_database_status.status_code_mr                  ? 
_pdbx_database_status.status_code_sf                  ? 
_pdbx_database_status.status_code_cs                  ? 
_pdbx_database_status.status_code_nmr_data            ? 
_pdbx_database_status.methods_development_category    ? 
# 
loop_
_audit_author.name 
_audit_author.pdbx_ordinal 
'Norledge, B.V.'   1 
'Mayr, E.-M.'      2 
'Glockshuber, R.'  3 
'Bateman, O.A.'    4 
'Slingsby, C.'     5 
'Jaenicke, R.'     6 
'Driessen, H.P.C.' 7 
# 
loop_
_citation.id 
_citation.title 
_citation.journal_abbrev 
_citation.journal_volume 
_citation.page_first 
_citation.page_last 
_citation.year 
_citation.journal_id_ASTM 
_citation.country 
_citation.journal_id_ISSN 
_citation.journal_id_CSD 
_citation.book_publisher 
_citation.pdbx_database_id_PubMed 
_citation.pdbx_database_id_DOI 
primary 'The X-ray structures of two mutant crystallin domains shed light on the evolution of multi-domain proteins.' 
Nat.Struct.Biol. 3   267 274 1996 NSBIEW US 1072-8368 2024 ? 8605629 10.1038/nsb0396-267 
1       'Domain Interactions and Connecting Peptides in Lens Crystallins'                                             J.Mol.Biol. 
235 84  ?   1994 JMOBAK UK 0022-2836 0070 ? ?       ?                   
# 
loop_
_citation_author.citation_id 
_citation_author.name 
_citation_author.ordinal 
_citation_author.identifier_ORCID 
primary 'Norledge, B.V.'  1  ? 
primary 'Mayr, E.M.'      2  ? 
primary 'Glockshuber, R.' 3  ? 
primary 'Bateman, O.A.'   4  ? 
primary 'Slingsby, C.'    5  ? 
primary 'Jaenicke, R.'    6  ? 
primary 'Driessen, H.P.'  7  ? 
1       'Mayr, E.M.'      8  ? 
1       'Jaenicke, R.'    9  ? 
1       'Glockshuber, R.' 10 ? 
# 
loop_
_entity.id 
_entity.type 
_entity.src_method 
_entity.pdbx_description 
_entity.formula_weight 
_entity.pdbx_number_of_molecules 
_entity.pdbx_ec 
_entity.pdbx_mutation 
_entity.pdbx_fragment 
_entity.details 
1 polymer nat 'GAMMA B CRYSTALLIN' 10707.136 1  ? ? 'C-TERMINAL DOMAIN' ? 
2 water   nat water                18.015    81 ? ? ?                   ? 
# 
_entity_poly.entity_id                      1 
_entity_poly.type                           'polypeptide(L)' 
_entity_poly.nstd_linkage                   no 
_entity_poly.nstd_monomer                   no 
_entity_poly.pdbx_seq_one_letter_code       
;TFRMRIYERDDFRGQMSEITDDCPSLQDRFHLTEVHSLNVLEGSWVLYEMPSYRGRQYLLRPGEYRRYLDWGAMNAKVGS
LRRVMDFY
;
_entity_poly.pdbx_seq_one_letter_code_can   
;TFRMRIYERDDFRGQMSEITDDCPSLQDRFHLTEVHSLNVLEGSWVLYEMPSYRGRQYLLRPGEYRRYLDWGAMNAKVGS
LRRVMDFY
;
_entity_poly.pdbx_strand_id                 A 
_entity_poly.pdbx_target_identifier         ? 
# 
_pdbx_entity_nonpoly.entity_id   2 
_pdbx_entity_nonpoly.name        water 
_pdbx_entity_nonpoly.comp_id     HOH 
# 
loop_
_entity_poly_seq.entity_id 
_entity_poly_seq.num 
_entity_poly_seq.mon_id 
_entity_poly_seq.hetero 
1 1  THR n 
1 2  PHE n 
1 3  ARG n 
1 4  MET n 
1 5  ARG n 
1 6  ILE n 
1 7  TYR n 
1 8  GLU n 
1 9  ARG n 
1 10 ASP n 
1 11 ASP n 
1 12 PHE n 
1 13 ARG n 
1 14 GLY n 
1 15 GLN n 
1 16 MET n 
1 17 SER n 
1 18 GLU n 
1 19 ILE n 
1 20 THR n 
1 21 ASP n 
1 22 ASP n 
1 23 CYS n 
1 24 PRO n 
1 25 SER n 
1 26 LEU n 
1 27 GLN n 
1 28 ASP n 
1 29 ARG n 
1 30 PHE n 
1 31 HIS n 
1 32 LEU n 
1 33 THR n 
1 34 GLU n 
1 35 VAL n 
1 36 HIS n 
1 37 SER n 
1 38 LEU n 
1 39 ASN n 
1 40 VAL n 
1 41 LEU n 
1 42 GLU n 
1 43 GLY n 
1 44 SER n 
1 45 TRP n 
1 46 VAL n 
1 47 LEU n 
1 48 TYR n 
1 49 GLU n 
1 50 MET n 
1 51 PRO n 
1 52 SER n 
1 53 TYR n 
1 54 ARG n 
1 55 GLY n 
1 56 ARG n 
1 57 GLN n 
1 58 TYR n 
1 59 LEU n 
1 60 LEU n 
1 61 ARG n 
1 62 PRO n 
1 63 GLY n 
1 64 GLU n 
1 65 TYR n 
1 66 ARG n 
1 67 ARG n 
1 68 TYR n 
1 69 LEU n 
1 70 ASP n 
1 71 TRP n 
1 72 GLY n 
1 73 ALA n 
1 74 MET n 
1 75 ASN n 
1 76 ALA n 
1 77 LYS n 
1 78 VAL n 
1 79 GLY n 
1 80 SER n 
1 81 LEU n 
1 82 ARG n 
1 83 ARG n 
1 84 VAL n 
1 85 MET n 
1 86 ASP n 
1 87 PHE n 
1 88 TYR n 
# 
_entity_src_nat.entity_id                  1 
_entity_src_nat.pdbx_src_id                1 
_entity_src_nat.pdbx_alt_source_flag       sample 
_entity_src_nat.pdbx_beg_seq_num           ? 
_entity_src_nat.pdbx_end_seq_num           ? 
_entity_src_nat.common_name                cattle 
_entity_src_nat.pdbx_organism_scientific   'Bos taurus' 
_entity_src_nat.pdbx_ncbi_taxonomy_id      9913 
_entity_src_nat.genus                      Bos 
_entity_src_nat.species                    ? 
_entity_src_nat.strain                     ? 
_entity_src_nat.tissue                     ? 
_entity_src_nat.tissue_fraction            ? 
_entity_src_nat.pdbx_secretion             ? 
_entity_src_nat.pdbx_fragment              ? 
_entity_src_nat.pdbx_variant               ? 
_entity_src_nat.pdbx_cell_line             ? 
_entity_src_nat.pdbx_atcc                  ? 
_entity_src_nat.pdbx_cellular_location     ? 
_entity_src_nat.pdbx_organ                 EYE 
_entity_src_nat.pdbx_organelle             ? 
_entity_src_nat.pdbx_cell                  ? 
_entity_src_nat.pdbx_plasmid_name          ? 
_entity_src_nat.pdbx_plasmid_details       ? 
_entity_src_nat.details                    ? 
# 
loop_
_chem_comp.id 
_chem_comp.type 
_chem_comp.mon_nstd_flag 
_chem_comp.name 
_chem_comp.pdbx_synonyms 
_chem_comp.formula 
_chem_comp.formula_weight 
ALA 'L-peptide linking' y ALANINE         ? 'C3 H7 N O2'     89.093  
ARG 'L-peptide linking' y ARGININE        ? 'C6 H15 N4 O2 1' 175.209 
ASN 'L-peptide linking' y ASPARAGINE      ? 'C4 H8 N2 O3'    132.118 
ASP 'L-peptide linking' y 'ASPARTIC ACID' ? 'C4 H7 N O4'     133.103 
CYS 'L-peptide linking' y CYSTEINE        ? 'C3 H7 N O2 S'   121.158 
GLN 'L-peptide linking' y GLUTAMINE       ? 'C5 H10 N2 O3'   146.144 
GLU 'L-peptide linking' y 'GLUTAMIC ACID' ? 'C5 H9 N O4'     147.129 
GLY 'peptide linking'   y GLYCINE         ? 'C2 H5 N O2'     75.067  
HIS 'L-peptide linking' y HISTIDINE       ? 'C6 H10 N3 O2 1' 156.162 
HOH non-polymer         . WATER           ? 'H2 O'           18.015  
ILE 'L-peptide linking' y ISOLEUCINE      ? 'C6 H13 N O2'    131.173 
LEU 'L-peptide linking' y LEUCINE         ? 'C6 H13 N O2'    131.173 
LYS 'L-peptide linking' y LYSINE          ? 'C6 H15 N2 O2 1' 147.195 
MET 'L-peptide linking' y METHIONINE      ? 'C5 H11 N O2 S'  149.211 
PHE 'L-peptide linking' y PHENYLALANINE   ? 'C9 H11 N O2'    165.189 
PRO 'L-peptide linking' y PROLINE         ? 'C5 H9 N O2'     115.130 
SER 'L-peptide linking' y SERINE          ? 'C3 H7 N O3'     105.093 
THR 'L-peptide linking' y THREONINE       ? 'C4 H9 N O3'     119.119 
TRP 'L-peptide linking' y TRYPTOPHAN      ? 'C11 H12 N2 O2'  204.225 
TYR 'L-peptide linking' y TYROSINE        ? 'C9 H11 N O3'    181.189 
VAL 'L-peptide linking' y VALINE          ? 'C5 H11 N O2'    117.146 
# 
loop_
_pdbx_poly_seq_scheme.asym_id 
_pdbx_poly_seq_scheme.entity_id 
_pdbx_poly_seq_scheme.seq_id 
_pdbx_poly_seq_scheme.mon_id 
_pdbx_poly_seq_scheme.ndb_seq_num 
_pdbx_poly_seq_scheme.pdb_seq_num 
_pdbx_poly_seq_scheme.auth_seq_num 
_pdbx_poly_seq_scheme.pdb_mon_id 
_pdbx_poly_seq_scheme.auth_mon_id 
_pdbx_poly_seq_scheme.pdb_strand_id 
_pdbx_poly_seq_scheme.pdb_ins_code 
_pdbx_poly_seq_scheme.hetero 
A 1 1  THR 1  87  87  THR THR A . n 
A 1 2  PHE 2  88  88  PHE PHE A . n 
A 1 3  ARG 3  89  89  ARG ARG A . n 
A 1 4  MET 4  90  90  MET MET A . n 
A 1 5  ARG 5  91  91  ARG ARG A . n 
A 1 6  ILE 6  92  92  ILE ILE A . n 
A 1 7  TYR 7  93  93  TYR TYR A . n 
A 1 8  GLU 8  94  94  GLU GLU A . n 
A 1 9  ARG 9  95  95  ARG ARG A . n 
A 1 10 ASP 10 96  96  ASP ASP A . n 
A 1 11 ASP 11 97  97  ASP ASP A . n 
A 1 12 PHE 12 98  98  PHE PHE A . n 
A 1 13 ARG 13 99  99  ARG ARG A . n 
A 1 14 GLY 14 100 100 GLY GLY A . n 
A 1 15 GLN 15 101 101 GLN GLN A . n 
A 1 16 MET 16 102 102 MET MET A . n 
A 1 17 SER 17 103 103 SER SER A . n 
A 1 18 GLU 18 104 104 GLU GLU A . n 
A 1 19 ILE 19 105 105 ILE ILE A . n 
A 1 20 THR 20 106 106 THR THR A . n 
A 1 21 ASP 21 107 107 ASP ASP A . n 
A 1 22 ASP 22 108 108 ASP ASP A . n 
A 1 23 CYS 23 109 109 CYS CYS A . n 
A 1 24 PRO 24 110 110 PRO PRO A . n 
A 1 25 SER 25 111 111 SER SER A . n 
A 1 26 LEU 26 112 112 LEU LEU A . n 
A 1 27 GLN 27 113 113 GLN GLN A . n 
A 1 28 ASP 28 114 114 ASP ASP A . n 
A 1 29 ARG 29 115 115 ARG ARG A . n 
A 1 30 PHE 30 116 116 PHE PHE A . n 
A 1 31 HIS 31 117 117 HIS HIS A . n 
A 1 32 LEU 32 118 118 LEU LEU A . n 
A 1 33 THR 33 119 119 THR THR A . n 
A 1 34 GLU 34 120 120 GLU GLU A . n 
A 1 35 VAL 35 121 121 VAL VAL A . n 
A 1 36 HIS 36 122 122 HIS HIS A . n 
A 1 37 SER 37 123 123 SER SER A . n 
A 1 38 LEU 38 124 124 LEU LEU A . n 
A 1 39 ASN 39 125 125 ASN ASN A . n 
A 1 40 VAL 40 126 126 VAL VAL A . n 
A 1 41 LEU 41 127 127 LEU LEU A . n 
A 1 42 GLU 42 128 128 GLU GLU A . n 
A 1 43 GLY 43 129 129 GLY GLY A . n 
A 1 44 SER 44 130 130 SER SER A . n 
A 1 45 TRP 45 131 131 TRP TRP A . n 
A 1 46 VAL 46 132 132 VAL VAL A . n 
A 1 47 LEU 47 133 133 LEU LEU A . n 
A 1 48 TYR 48 134 134 TYR TYR A . n 
A 1 49 GLU 49 135 135 GLU GLU A . n 
A 1 50 MET 50 136 136 MET MET A . n 
A 1 51 PRO 51 137 137 PRO PRO A . n 
A 1 52 SER 52 138 138 SER SER A . n 
A 1 53 TYR 53 139 139 TYR TYR A . n 
A 1 54 ARG 54 140 140 ARG ARG A . n 
A 1 55 GLY 55 141 141 GLY GLY A . n 
A 1 56 ARG 56 142 142 ARG ARG A . n 
A 1 57 GLN 57 143 143 GLN GLN A . n 
A 1 58 TYR 58 144 144 TYR TYR A . n 
A 1 59 LEU 59 145 145 LEU LEU A . n 
A 1 60 LEU 60 146 146 LEU LEU A . n 
A 1 61 ARG 61 147 147 ARG ARG A . n 
A 1 62 PRO 62 148 148 PRO PRO A . n 
A 1 63 GLY 63 149 149 GLY GLY A . n 
A 1 64 GLU 64 150 150 GLU GLU A . n 
A 1 65 TYR 65 151 151 TYR TYR A . n 
A 1 66 ARG 66 152 152 ARG ARG A . n 
A 1 67 ARG 67 153 153 ARG ARG A . n 
A 1 68 TYR 68 154 154 TYR TYR A . n 
A 1 69 LEU 69 155 155 LEU LEU A . n 
A 1 70 ASP 70 156 156 ASP ASP A . n 
A 1 71 TRP 71 157 157 TRP TRP A . n 
A 1 72 GLY 72 158 158 GLY GLY A . n 
A 1 73 ALA 73 159 159 ALA ALA A . n 
A 1 74 MET 74 160 160 MET MET A . n 
A 1 75 ASN 75 161 161 ASN ASN A . n 
A 1 76 ALA 76 162 162 ALA ALA A . n 
A 1 77 LYS 77 163 163 LYS LYS A . n 
A 1 78 VAL 78 164 164 VAL VAL A . n 
A 1 79 GLY 79 165 165 GLY GLY A . n 
A 1 80 SER 80 166 166 SER SER A . n 
A 1 81 LEU 81 167 167 LEU LEU A . n 
A 1 82 ARG 82 168 168 ARG ARG A . n 
A 1 83 ARG 83 169 169 ARG ARG A . n 
A 1 84 VAL 84 170 170 VAL VAL A . n 
A 1 85 MET 85 171 171 MET MET A . n 
A 1 86 ASP 86 172 172 ASP ASP A . n 
A 1 87 PHE 87 173 173 PHE PHE A . n 
A 1 88 TYR 88 174 174 TYR TYR A . n 
# 
loop_
_pdbx_nonpoly_scheme.asym_id 
_pdbx_nonpoly_scheme.entity_id 
_pdbx_nonpoly_scheme.mon_id 
_pdbx_nonpoly_scheme.ndb_seq_num 
_pdbx_nonpoly_scheme.pdb_seq_num 
_pdbx_nonpoly_scheme.auth_seq_num 
_pdbx_nonpoly_scheme.pdb_mon_id 
_pdbx_nonpoly_scheme.auth_mon_id 
_pdbx_nonpoly_scheme.pdb_strand_id 
_pdbx_nonpoly_scheme.pdb_ins_code 
B 2 HOH 1  200 200 HOH HOH A . 
B 2 HOH 2  202 202 HOH HOH A . 
B 2 HOH 3  203 203 HOH HOH A . 
B 2 HOH 4  204 204 HOH HOH A . 
B 2 HOH 5  207 207 HOH HOH A . 
B 2 HOH 6  208 208 HOH HOH A . 
B 2 HOH 7  215 215 HOH HOH A . 
B 2 HOH 8  217 217 HOH HOH A . 
B 2 HOH 9  219 219 HOH HOH A . 
B 2 HOH 10 221 221 HOH HOH A . 
B 2 HOH 11 226 226 HOH HOH A . 
B 2 HOH 12 228 228 HOH HOH A . 
B 2 HOH 13 232 232 HOH HOH A . 
B 2 HOH 14 233 233 HOH HOH A . 
B 2 HOH 15 234 234 HOH HOH A . 
B 2 HOH 16 235 235 HOH HOH A . 
B 2 HOH 17 236 236 HOH HOH A . 
B 2 HOH 18 240 240 HOH HOH A . 
B 2 HOH 19 241 241 HOH HOH A . 
B 2 HOH 20 243 243 HOH HOH A . 
B 2 HOH 21 246 246 HOH HOH A . 
B 2 HOH 22 248 248 HOH HOH A . 
B 2 HOH 23 249 249 HOH HOH A . 
B 2 HOH 24 250 250 HOH HOH A . 
B 2 HOH 25 254 254 HOH HOH A . 
B 2 HOH 26 255 255 HOH HOH A . 
B 2 HOH 27 258 258 HOH HOH A . 
B 2 HOH 28 261 261 HOH HOH A . 
B 2 HOH 29 262 262 HOH HOH A . 
B 2 HOH 30 272 272 HOH HOH A . 
B 2 HOH 31 274 274 HOH HOH A . 
B 2 HOH 32 275 275 HOH HOH A . 
B 2 HOH 33 279 279 HOH HOH A . 
B 2 HOH 34 282 282 HOH HOH A . 
B 2 HOH 35 283 283 HOH HOH A . 
B 2 HOH 36 284 284 HOH HOH A . 
B 2 HOH 37 286 286 HOH HOH A . 
B 2 HOH 38 287 287 HOH HOH A . 
B 2 HOH 39 288 288 HOH HOH A . 
B 2 HOH 40 289 289 HOH HOH A . 
B 2 HOH 41 290 290 HOH HOH A . 
B 2 HOH 42 291 291 HOH HOH A . 
B 2 HOH 43 292 292 HOH HOH A . 
B 2 HOH 44 293 293 HOH HOH A . 
B 2 HOH 45 294 294 HOH HOH A . 
B 2 HOH 46 297 297 HOH HOH A . 
B 2 HOH 47 298 298 HOH HOH A . 
B 2 HOH 48 300 300 HOH HOH A . 
B 2 HOH 49 310 310 HOH HOH A . 
B 2 HOH 50 311 311 HOH HOH A . 
B 2 HOH 51 312 312 HOH HOH A . 
B 2 HOH 52 316 316 HOH HOH A . 
B 2 HOH 53 317 317 HOH HOH A . 
B 2 HOH 54 318 318 HOH HOH A . 
B 2 HOH 55 319 319 HOH HOH A . 
B 2 HOH 56 320 320 HOH HOH A . 
B 2 HOH 57 321 321 HOH HOH A . 
B 2 HOH 58 324 324 HOH HOH A . 
B 2 HOH 59 325 325 HOH HOH A . 
B 2 HOH 60 326 326 HOH HOH A . 
B 2 HOH 61 329 329 HOH HOH A . 
B 2 HOH 62 330 330 HOH HOH A . 
B 2 HOH 63 333 333 HOH HOH A . 
B 2 HOH 64 334 334 HOH HOH A . 
B 2 HOH 65 336 336 HOH HOH A . 
B 2 HOH 66 337 337 HOH HOH A . 
B 2 HOH 67 339 339 HOH HOH A . 
B 2 HOH 68 340 340 HOH HOH A . 
B 2 HOH 69 341 341 HOH HOH A . 
B 2 HOH 70 342 342 HOH HOH A . 
B 2 HOH 71 343 343 HOH HOH A . 
B 2 HOH 72 347 347 HOH HOH A . 
B 2 HOH 73 348 348 HOH HOH A . 
B 2 HOH 74 349 349 HOH HOH A . 
B 2 HOH 75 350 350 HOH HOH A . 
B 2 HOH 76 351 351 HOH HOH A . 
B 2 HOH 77 352 352 HOH HOH A . 
B 2 HOH 78 353 353 HOH HOH A . 
B 2 HOH 79 354 354 HOH HOH A . 
B 2 HOH 80 355 355 HOH HOH A . 
B 2 HOH 81 356 356 HOH HOH A . 
# 
loop_
_software.name 
_software.classification 
_software.version 
_software.citation_id 
_software.pdbx_ordinal 
X-PLOR 'model building' . ? 1 
X-PLOR refinement       . ? 2 
X-PLOR phasing          . ? 3 
# 
_cell.entry_id           1DSL 
_cell.length_a           33.450 
_cell.length_b           50.080 
_cell.length_c           53.110 
_cell.angle_alpha        90.00 
_cell.angle_beta         90.00 
_cell.angle_gamma        90.00 
_cell.Z_PDB              4 
_cell.pdbx_unique_axis   ? 
# 
_symmetry.entry_id                         1DSL 
_symmetry.space_group_name_H-M             'P 21 21 21' 
_symmetry.pdbx_full_space_group_name_H-M   ? 
_symmetry.cell_setting                     ? 
_symmetry.Int_Tables_number                19 
# 
_exptl.entry_id          1DSL 
_exptl.method            'X-RAY DIFFRACTION' 
_exptl.crystals_number   ? 
# 
_exptl_crystal.id                    1 
_exptl_crystal.density_meas          ? 
_exptl_crystal.density_Matthews      2.08 
_exptl_crystal.density_percent_sol   40.77 
_exptl_crystal.description           ? 
# 
_diffrn.id                     1 
_diffrn.ambient_temp           ? 
_diffrn.ambient_temp_details   ? 
_diffrn.crystal_id             1 
# 
_diffrn_radiation.diffrn_id                        1 
_diffrn_radiation.wavelength_id                    1 
_diffrn_radiation.pdbx_monochromatic_or_laue_m_l   ? 
_diffrn_radiation.monochromator                    ? 
_diffrn_radiation.pdbx_diffrn_protocol             ? 
_diffrn_radiation.pdbx_scattering_type             x-ray 
# 
_diffrn_radiation_wavelength.id           1 
_diffrn_radiation_wavelength.wavelength   . 
_diffrn_radiation_wavelength.wt           1.0 
# 
_reflns.entry_id                     1DSL 
_reflns.observed_criterion_sigma_I   3.0 
_reflns.observed_criterion_sigma_F   ? 
_reflns.d_resolution_low             20.0 
_reflns.d_resolution_high            1.55 
_reflns.number_obs                   12852 
_reflns.number_all                   ? 
_reflns.percent_possible_obs         94.2 
_reflns.pdbx_Rmerge_I_obs            0.0550000 
_reflns.pdbx_Rsym_value              ? 
_reflns.pdbx_netI_over_sigmaI        ? 
_reflns.B_iso_Wilson_estimate        ? 
_reflns.pdbx_redundancy              5.6 
_reflns.pdbx_diffrn_id               1 
_reflns.pdbx_ordinal                 1 
# 
_refine.entry_id                                 1DSL 
_refine.ls_number_reflns_obs                     12487 
_refine.ls_number_reflns_all                     ? 
_refine.pdbx_ls_sigma_I                          ? 
_refine.pdbx_ls_sigma_F                          0.0 
_refine.pdbx_data_cutoff_high_absF               ? 
_refine.pdbx_data_cutoff_low_absF                ? 
_refine.pdbx_data_cutoff_high_rms_absF           ? 
_refine.ls_d_res_low                             8.0 
_refine.ls_d_res_high                            1.55 
_refine.ls_percent_reflns_obs                    ? 
_refine.ls_R_factor_obs                          0.2100000 
_refine.ls_R_factor_all                          ? 
_refine.ls_R_factor_R_work                       0.2100000 
_refine.ls_R_factor_R_free                       ? 
_refine.ls_R_factor_R_free_error                 ? 
_refine.ls_R_factor_R_free_error_details         ? 
_refine.ls_percent_reflns_R_free                 ? 
_refine.ls_number_reflns_R_free                  ? 
_refine.ls_number_parameters                     ? 
_refine.ls_number_restraints                     ? 
_refine.occupancy_min                            ? 
_refine.occupancy_max                            ? 
_refine.B_iso_mean                               13.0 
_refine.aniso_B[1][1]                            ? 
_refine.aniso_B[2][2]                            ? 
_refine.aniso_B[3][3]                            ? 
_refine.aniso_B[1][2]                            ? 
_refine.aniso_B[1][3]                            ? 
_refine.aniso_B[2][3]                            ? 
_refine.solvent_model_details                    ? 
_refine.solvent_model_param_ksol                 ? 
_refine.solvent_model_param_bsol                 ? 
_refine.pdbx_ls_cross_valid_method               ? 
_refine.details                                  ? 
_refine.pdbx_starting_model                      ? 
_refine.pdbx_method_to_determine_struct          ? 
_refine.pdbx_isotropic_thermal_model             ? 
_refine.pdbx_stereochemistry_target_values       ? 
_refine.pdbx_stereochem_target_val_spec_case     ? 
_refine.pdbx_R_Free_selection_details            ? 
_refine.pdbx_overall_ESU_R                       ? 
_refine.pdbx_overall_ESU_R_Free                  ? 
_refine.overall_SU_ML                            ? 
_refine.overall_SU_B                             ? 
_refine.pdbx_refine_id                           'X-RAY DIFFRACTION' 
_refine.pdbx_diffrn_id                           1 
_refine.pdbx_TLS_residual_ADP_flag               ? 
_refine.correlation_coeff_Fo_to_Fc               ? 
_refine.correlation_coeff_Fo_to_Fc_free          ? 
_refine.pdbx_solvent_vdw_probe_radii             ? 
_refine.pdbx_solvent_ion_probe_radii             ? 
_refine.pdbx_solvent_shrinkage_radii             ? 
_refine.pdbx_overall_phase_error                 ? 
_refine.overall_SU_R_Cruickshank_DPI             ? 
_refine.pdbx_overall_SU_R_free_Cruickshank_DPI   ? 
_refine.pdbx_overall_SU_R_Blow_DPI               ? 
_refine.pdbx_overall_SU_R_free_Blow_DPI          ? 
# 
_refine_hist.pdbx_refine_id                   'X-RAY DIFFRACTION' 
_refine_hist.cycle_id                         LAST 
_refine_hist.pdbx_number_atoms_protein        752 
_refine_hist.pdbx_number_atoms_nucleic_acid   0 
_refine_hist.pdbx_number_atoms_ligand         0 
_refine_hist.number_atoms_solvent             81 
_refine_hist.number_atoms_total               833 
_refine_hist.d_res_high                       1.55 
_refine_hist.d_res_low                        8.0 
# 
loop_
_refine_ls_restr.type 
_refine_ls_restr.dev_ideal 
_refine_ls_restr.dev_ideal_target 
_refine_ls_restr.weight 
_refine_ls_restr.number 
_refine_ls_restr.pdbx_refine_id 
_refine_ls_restr.pdbx_restraint_function 
x_bond_d                0.017 ? ? ? 'X-RAY DIFFRACTION' ? 
x_bond_d_na             ?     ? ? ? 'X-RAY DIFFRACTION' ? 
x_bond_d_prot           ?     ? ? ? 'X-RAY DIFFRACTION' ? 
x_angle_d               ?     ? ? ? 'X-RAY DIFFRACTION' ? 
x_angle_d_na            ?     ? ? ? 'X-RAY DIFFRACTION' ? 
x_angle_d_prot          ?     ? ? ? 'X-RAY DIFFRACTION' ? 
x_angle_deg             3.02  ? ? ? 'X-RAY DIFFRACTION' ? 
x_angle_deg_na          ?     ? ? ? 'X-RAY DIFFRACTION' ? 
x_angle_deg_prot        ?     ? ? ? 'X-RAY DIFFRACTION' ? 
x_dihedral_angle_d      ?     ? ? ? 'X-RAY DIFFRACTION' ? 
x_dihedral_angle_d_na   ?     ? ? ? 'X-RAY DIFFRACTION' ? 
x_dihedral_angle_d_prot ?     ? ? ? 'X-RAY DIFFRACTION' ? 
x_improper_angle_d      ?     ? ? ? 'X-RAY DIFFRACTION' ? 
x_improper_angle_d_na   ?     ? ? ? 'X-RAY DIFFRACTION' ? 
x_improper_angle_d_prot ?     ? ? ? 'X-RAY DIFFRACTION' ? 
x_mcbond_it             ?     ? ? ? 'X-RAY DIFFRACTION' ? 
x_mcangle_it            ?     ? ? ? 'X-RAY DIFFRACTION' ? 
x_scbond_it             ?     ? ? ? 'X-RAY DIFFRACTION' ? 
x_scangle_it            ?     ? ? ? 'X-RAY DIFFRACTION' ? 
# 
_struct.entry_id                  1DSL 
_struct.title                     'GAMMA B CRYSTALLIN C-TERMINAL DOMAIN' 
_struct.pdbx_model_details        ? 
_struct.pdbx_CASP_flag            ? 
_struct.pdbx_model_type_details   ? 
# 
_struct_keywords.entry_id        1DSL 
_struct_keywords.pdbx_keywords   'EYE LENS PROTEIN' 
_struct_keywords.text            'EYE LENS PROTEIN, MULTIGENE FAMILY' 
# 
loop_
_struct_asym.id 
_struct_asym.pdbx_blank_PDB_chainid_flag 
_struct_asym.pdbx_modified 
_struct_asym.entity_id 
_struct_asym.details 
A N N 1 ? 
B N N 2 ? 
# 
_struct_ref.id                         1 
_struct_ref.db_name                    UNP 
_struct_ref.db_code                    CRGB_BOVIN 
_struct_ref.entity_id                  1 
_struct_ref.pdbx_db_accession          P02526 
_struct_ref.pdbx_align_begin           1 
_struct_ref.pdbx_seq_one_letter_code   
;GKITFYEDRGFQGHCYECSSDCPNLQPYFSRCNSIRVDSGCWMLYERPNYQGHQYFLRRGDYPDYQQWMGFNDSIRSCRL
IPQHTGTFRMRIYERDDFRGQMSEITDDCPSLQDRFHLTEVHSLNVLEGSWVLYEMPSYRGRQYLLRPGEYRRYLDWGAM
NAKVGSLRRVMDFY
;
_struct_ref.pdbx_db_isoform            ? 
# 
_struct_ref_seq.align_id                      1 
_struct_ref_seq.ref_id                        1 
_struct_ref_seq.pdbx_PDB_id_code              1DSL 
_struct_ref_seq.pdbx_strand_id                A 
_struct_ref_seq.seq_align_beg                 1 
_struct_ref_seq.pdbx_seq_align_beg_ins_code   ? 
_struct_ref_seq.seq_align_end                 88 
_struct_ref_seq.pdbx_seq_align_end_ins_code   ? 
_struct_ref_seq.pdbx_db_accession             P02526 
_struct_ref_seq.db_align_beg                  87 
_struct_ref_seq.pdbx_db_align_beg_ins_code    ? 
_struct_ref_seq.db_align_end                  174 
_struct_ref_seq.pdbx_db_align_end_ins_code    ? 
_struct_ref_seq.pdbx_auth_seq_align_beg       87 
_struct_ref_seq.pdbx_auth_seq_align_end       174 
# 
_pdbx_struct_assembly.id                   1 
_pdbx_struct_assembly.details              author_defined_assembly 
_pdbx_struct_assembly.method_details       ? 
_pdbx_struct_assembly.oligomeric_details   monomeric 
_pdbx_struct_assembly.oligomeric_count     1 
# 
_pdbx_struct_assembly_gen.assembly_id       1 
_pdbx_struct_assembly_gen.oper_expression   1 
_pdbx_struct_assembly_gen.asym_id_list      A,B 
# 
_pdbx_struct_oper_list.id                   1 
_pdbx_struct_oper_list.type                 'identity operation' 
_pdbx_struct_oper_list.name                 1_555 
_pdbx_struct_oper_list.symmetry_operation   x,y,z 
_pdbx_struct_oper_list.matrix[1][1]         1.0000000000 
_pdbx_struct_oper_list.matrix[1][2]         0.0000000000 
_pdbx_struct_oper_list.matrix[1][3]         0.0000000000 
_pdbx_struct_oper_list.vector[1]            0.0000000000 
_pdbx_struct_oper_list.matrix[2][1]         0.0000000000 
_pdbx_struct_oper_list.matrix[2][2]         1.0000000000 
_pdbx_struct_oper_list.matrix[2][3]         0.0000000000 
_pdbx_struct_oper_list.vector[2]            0.0000000000 
_pdbx_struct_oper_list.matrix[3][1]         0.0000000000 
_pdbx_struct_oper_list.matrix[3][2]         0.0000000000 
_pdbx_struct_oper_list.matrix[3][3]         1.0000000000 
_pdbx_struct_oper_list.vector[3]            0.0000000000 
# 
_struct_biol.id   1 
# 
loop_
_struct_conf.conf_type_id 
_struct_conf.id 
_struct_conf.pdbx_PDB_helix_id 
_struct_conf.beg_label_comp_id 
_struct_conf.beg_label_asym_id 
_struct_conf.beg_label_seq_id 
_struct_conf.pdbx_beg_PDB_ins_code 
_struct_conf.end_label_comp_id 
_struct_conf.end_label_asym_id 
_struct_conf.end_label_seq_id 
_struct_conf.pdbx_end_PDB_ins_code 
_struct_conf.beg_auth_comp_id 
_struct_conf.beg_auth_asym_id 
_struct_conf.beg_auth_seq_id 
_struct_conf.end_auth_comp_id 
_struct_conf.end_auth_asym_id 
_struct_conf.end_auth_seq_id 
_struct_conf.pdbx_PDB_helix_class 
_struct_conf.details 
_struct_conf.pdbx_PDB_helix_length 
HELX_P HELX_P1 1 LEU A 26 ? PHE A 30 ? LEU A 112 PHE A 116 1 ? 5 
HELX_P HELX_P2 2 PRO A 51 ? TYR A 53 ? PRO A 137 TYR A 139 5 ? 3 
HELX_P HELX_P3 3 TYR A 68 ? TRP A 71 ? TYR A 154 TRP A 157 5 ? 4 
# 
_struct_conf_type.id          HELX_P 
_struct_conf_type.criteria    ? 
_struct_conf_type.reference   ? 
# 
loop_
_struct_sheet.id 
_struct_sheet.type 
_struct_sheet.number_strands 
_struct_sheet.details 
A ? 4 ? 
B ? 3 ? 
# 
loop_
_struct_sheet_order.sheet_id 
_struct_sheet_order.range_id_1 
_struct_sheet_order.range_id_2 
_struct_sheet_order.offset 
_struct_sheet_order.sense 
A 1 2 ? anti-parallel 
A 2 3 ? anti-parallel 
A 3 4 ? anti-parallel 
B 1 2 ? anti-parallel 
B 2 3 ? anti-parallel 
# 
loop_
_struct_sheet_range.sheet_id 
_struct_sheet_range.id 
_struct_sheet_range.beg_label_comp_id 
_struct_sheet_range.beg_label_asym_id 
_struct_sheet_range.beg_label_seq_id 
_struct_sheet_range.pdbx_beg_PDB_ins_code 
_struct_sheet_range.end_label_comp_id 
_struct_sheet_range.end_label_asym_id 
_struct_sheet_range.end_label_seq_id 
_struct_sheet_range.pdbx_end_PDB_ins_code 
_struct_sheet_range.beg_auth_comp_id 
_struct_sheet_range.beg_auth_asym_id 
_struct_sheet_range.beg_auth_seq_id 
_struct_sheet_range.end_auth_comp_id 
_struct_sheet_range.end_auth_asym_id 
_struct_sheet_range.end_auth_seq_id 
A 1 MET A 16 ? ILE A 19 ? MET A 102 ILE A 105 
A 2 ARG A 3  ? TYR A 7  ? ARG A 89  TYR A 93  
A 3 SER A 37 ? GLU A 42 ? SER A 123 GLU A 128 
A 4 GLY A 63 ? TYR A 65 ? GLY A 149 TYR A 151 
B 1 GLN A 57 ? LEU A 60 ? GLN A 143 LEU A 146 
B 2 TRP A 45 ? TYR A 48 ? TRP A 131 TYR A 134 
B 3 SER A 80 ? ARG A 83 ? SER A 166 ARG A 169 
# 
loop_
_pdbx_struct_sheet_hbond.sheet_id 
_pdbx_struct_sheet_hbond.range_id_1 
_pdbx_struct_sheet_hbond.range_id_2 
_pdbx_struct_sheet_hbond.range_1_label_atom_id 
_pdbx_struct_sheet_hbond.range_1_label_comp_id 
_pdbx_struct_sheet_hbond.range_1_label_asym_id 
_pdbx_struct_sheet_hbond.range_1_label_seq_id 
_pdbx_struct_sheet_hbond.range_1_PDB_ins_code 
_pdbx_struct_sheet_hbond.range_1_auth_atom_id 
_pdbx_struct_sheet_hbond.range_1_auth_comp_id 
_pdbx_struct_sheet_hbond.range_1_auth_asym_id 
_pdbx_struct_sheet_hbond.range_1_auth_seq_id 
_pdbx_struct_sheet_hbond.range_2_label_atom_id 
_pdbx_struct_sheet_hbond.range_2_label_comp_id 
_pdbx_struct_sheet_hbond.range_2_label_asym_id 
_pdbx_struct_sheet_hbond.range_2_label_seq_id 
_pdbx_struct_sheet_hbond.range_2_PDB_ins_code 
_pdbx_struct_sheet_hbond.range_2_auth_atom_id 
_pdbx_struct_sheet_hbond.range_2_auth_comp_id 
_pdbx_struct_sheet_hbond.range_2_auth_asym_id 
_pdbx_struct_sheet_hbond.range_2_auth_seq_id 
A 1 2 O SER A 17 ? O SER A 103 N ILE A 6  ? N ILE A 92  
A 2 3 O ARG A 3  ? O ARG A 89  N GLU A 42 ? N GLU A 128 
A 3 4 O LEU A 38 ? O LEU A 124 N TYR A 65 ? N TYR A 151 
B 1 2 O TYR A 58 ? O TYR A 144 N LEU A 47 ? N LEU A 133 
B 2 3 O VAL A 46 ? O VAL A 132 N ARG A 82 ? N ARG A 168 
# 
_pdbx_validate_rmsd_bond.id                        1 
_pdbx_validate_rmsd_bond.PDB_model_num             1 
_pdbx_validate_rmsd_bond.auth_atom_id_1            NE2 
_pdbx_validate_rmsd_bond.auth_asym_id_1            A 
_pdbx_validate_rmsd_bond.auth_comp_id_1            HIS 
_pdbx_validate_rmsd_bond.auth_seq_id_1             122 
_pdbx_validate_rmsd_bond.PDB_ins_code_1            ? 
_pdbx_validate_rmsd_bond.label_alt_id_1            ? 
_pdbx_validate_rmsd_bond.auth_atom_id_2            CD2 
_pdbx_validate_rmsd_bond.auth_asym_id_2            A 
_pdbx_validate_rmsd_bond.auth_comp_id_2            HIS 
_pdbx_validate_rmsd_bond.auth_seq_id_2             122 
_pdbx_validate_rmsd_bond.PDB_ins_code_2            ? 
_pdbx_validate_rmsd_bond.label_alt_id_2            ? 
_pdbx_validate_rmsd_bond.bond_value                1.297 
_pdbx_validate_rmsd_bond.bond_target_value         1.373 
_pdbx_validate_rmsd_bond.bond_deviation            -0.076 
_pdbx_validate_rmsd_bond.bond_standard_deviation   0.011 
_pdbx_validate_rmsd_bond.linker_flag               N 
# 
loop_
_pdbx_validate_rmsd_angle.id 
_pdbx_validate_rmsd_angle.PDB_model_num 
_pdbx_validate_rmsd_angle.auth_atom_id_1 
_pdbx_validate_rmsd_angle.auth_asym_id_1 
_pdbx_validate_rmsd_angle.auth_comp_id_1 
_pdbx_validate_rmsd_angle.auth_seq_id_1 
_pdbx_validate_rmsd_angle.PDB_ins_code_1 
_pdbx_validate_rmsd_angle.label_alt_id_1 
_pdbx_validate_rmsd_angle.auth_atom_id_2 
_pdbx_validate_rmsd_angle.auth_asym_id_2 
_pdbx_validate_rmsd_angle.auth_comp_id_2 
_pdbx_validate_rmsd_angle.auth_seq_id_2 
_pdbx_validate_rmsd_angle.PDB_ins_code_2 
_pdbx_validate_rmsd_angle.label_alt_id_2 
_pdbx_validate_rmsd_angle.auth_atom_id_3 
_pdbx_validate_rmsd_angle.auth_asym_id_3 
_pdbx_validate_rmsd_angle.auth_comp_id_3 
_pdbx_validate_rmsd_angle.auth_seq_id_3 
_pdbx_validate_rmsd_angle.PDB_ins_code_3 
_pdbx_validate_rmsd_angle.label_alt_id_3 
_pdbx_validate_rmsd_angle.angle_value 
_pdbx_validate_rmsd_angle.angle_target_value 
_pdbx_validate_rmsd_angle.angle_deviation 
_pdbx_validate_rmsd_angle.angle_standard_deviation 
_pdbx_validate_rmsd_angle.linker_flag 
1  1 NE  A ARG 89  ? ? CZ  A ARG 89  ? ? NH1 A ARG 89  ? ? 123.72 120.30 3.42   0.50 N 
2  1 NE  A ARG 89  ? ? CZ  A ARG 89  ? ? NH2 A ARG 89  ? ? 116.90 120.30 -3.40  0.50 N 
3  1 NE  A ARG 99  ? ? CZ  A ARG 99  ? ? NH2 A ARG 99  ? ? 117.22 120.30 -3.08  0.50 N 
4  1 CA  A LEU 118 ? ? CB  A LEU 118 ? ? CG  A LEU 118 ? ? 131.93 115.30 16.63  2.30 N 
5  1 CD1 A TRP 131 ? ? CG  A TRP 131 ? ? CD2 A TRP 131 ? ? 111.67 106.30 5.37   0.80 N 
6  1 CE2 A TRP 131 ? ? CD2 A TRP 131 ? ? CG  A TRP 131 ? ? 101.97 107.30 -5.33  0.80 N 
7  1 CG  A MET 136 ? ? SD  A MET 136 ? ? CE  A MET 136 ? ? 74.40  100.20 -25.80 1.60 N 
8  1 NE  A ARG 152 ? ? CZ  A ARG 152 ? ? NH1 A ARG 152 ? ? 124.56 120.30 4.26   0.50 N 
9  1 CD1 A TRP 157 ? ? CG  A TRP 157 ? ? CD2 A TRP 157 ? ? 113.09 106.30 6.79   0.80 N 
10 1 CE2 A TRP 157 ? ? CD2 A TRP 157 ? ? CG  A TRP 157 ? ? 101.21 107.30 -6.09  0.80 N 
11 1 NE  A ARG 168 ? ? CZ  A ARG 168 ? ? NH1 A ARG 168 ? ? 123.78 120.30 3.48   0.50 N 
# 
_pdbx_entry_details.entry_id                 1DSL 
_pdbx_entry_details.compound_details         ? 
_pdbx_entry_details.source_details           ? 
_pdbx_entry_details.nonpolymer_details       ? 
_pdbx_entry_details.sequence_details         
;THE GAMMA B CRYSTALLIN C-TERMINAL DOMAIN CONSISTS OF
RESIDUES 87 - 174 OF THE COMPLETE GAMMA B CRYSTALLIN
THE NUMBERING FOLLOWS THAT OF THE COMPLETE PROTEIN.
;
_pdbx_entry_details.has_ligand_of_interest   ? 
# 
loop_
_chem_comp_atom.comp_id 
_chem_comp_atom.atom_id 
_chem_comp_atom.type_symbol 
_chem_comp_atom.pdbx_aromatic_flag 
_chem_comp_atom.pdbx_stereo_config 
_chem_comp_atom.pdbx_ordinal 
ALA N    N N N 1   
ALA CA   C N S 2   
ALA C    C N N 3   
ALA O    O N N 4   
ALA CB   C N N 5   
ALA OXT  O N N 6   
ALA H    H N N 7   
ALA H2   H N N 8   
ALA HA   H N N 9   
ALA HB1  H N N 10  
ALA HB2  H N N 11  
ALA HB3  H N N 12  
ALA HXT  H N N 13  
ARG N    N N N 14  
ARG CA   C N S 15  
ARG C    C N N 16  
ARG O    O N N 17  
ARG CB   C N N 18  
ARG CG   C N N 19  
ARG CD   C N N 20  
ARG NE   N N N 21  
ARG CZ   C N N 22  
ARG NH1  N N N 23  
ARG NH2  N N N 24  
ARG OXT  O N N 25  
ARG H    H N N 26  
ARG H2   H N N 27  
ARG HA   H N N 28  
ARG HB2  H N N 29  
ARG HB3  H N N 30  
ARG HG2  H N N 31  
ARG HG3  H N N 32  
ARG HD2  H N N 33  
ARG HD3  H N N 34  
ARG HE   H N N 35  
ARG HH11 H N N 36  
ARG HH12 H N N 37  
ARG HH21 H N N 38  
ARG HH22 H N N 39  
ARG HXT  H N N 40  
ASN N    N N N 41  
ASN CA   C N S 42  
ASN C    C N N 43  
ASN O    O N N 44  
ASN CB   C N N 45  
ASN CG   C N N 46  
ASN OD1  O N N 47  
ASN ND2  N N N 48  
ASN OXT  O N N 49  
ASN H    H N N 50  
ASN H2   H N N 51  
ASN HA   H N N 52  
ASN HB2  H N N 53  
ASN HB3  H N N 54  
ASN HD21 H N N 55  
ASN HD22 H N N 56  
ASN HXT  H N N 57  
ASP N    N N N 58  
ASP CA   C N S 59  
ASP C    C N N 60  
ASP O    O N N 61  
ASP CB   C N N 62  
ASP CG   C N N 63  
ASP OD1  O N N 64  
ASP OD2  O N N 65  
ASP OXT  O N N 66  
ASP H    H N N 67  
ASP H2   H N N 68  
ASP HA   H N N 69  
ASP HB2  H N N 70  
ASP HB3  H N N 71  
ASP HD2  H N N 72  
ASP HXT  H N N 73  
CYS N    N N N 74  
CYS CA   C N R 75  
CYS C    C N N 76  
CYS O    O N N 77  
CYS CB   C N N 78  
CYS SG   S N N 79  
CYS OXT  O N N 80  
CYS H    H N N 81  
CYS H2   H N N 82  
CYS HA   H N N 83  
CYS HB2  H N N 84  
CYS HB3  H N N 85  
CYS HG   H N N 86  
CYS HXT  H N N 87  
GLN N    N N N 88  
GLN CA   C N S 89  
GLN C    C N N 90  
GLN O    O N N 91  
GLN CB   C N N 92  
GLN CG   C N N 93  
GLN CD   C N N 94  
GLN OE1  O N N 95  
GLN NE2  N N N 96  
GLN OXT  O N N 97  
GLN H    H N N 98  
GLN H2   H N N 99  
GLN HA   H N N 100 
GLN HB2  H N N 101 
GLN HB3  H N N 102 
GLN HG2  H N N 103 
GLN HG3  H N N 104 
GLN HE21 H N N 105 
GLN HE22 H N N 106 
GLN HXT  H N N 107 
GLU N    N N N 108 
GLU CA   C N S 109 
GLU C    C N N 110 
GLU O    O N N 111 
GLU CB   C N N 112 
GLU CG   C N N 113 
GLU CD   C N N 114 
GLU OE1  O N N 115 
GLU OE2  O N N 116 
GLU OXT  O N N 117 
GLU H    H N N 118 
GLU H2   H N N 119 
GLU HA   H N N 120 
GLU HB2  H N N 121 
GLU HB3  H N N 122 
GLU HG2  H N N 123 
GLU HG3  H N N 124 
GLU HE2  H N N 125 
GLU HXT  H N N 126 
GLY N    N N N 127 
GLY CA   C N N 128 
GLY C    C N N 129 
GLY O    O N N 130 
GLY OXT  O N N 131 
GLY H    H N N 132 
GLY H2   H N N 133 
GLY HA2  H N N 134 
GLY HA3  H N N 135 
GLY HXT  H N N 136 
HIS N    N N N 137 
HIS CA   C N S 138 
HIS C    C N N 139 
HIS O    O N N 140 
HIS CB   C N N 141 
HIS CG   C Y N 142 
HIS ND1  N Y N 143 
HIS CD2  C Y N 144 
HIS CE1  C Y N 145 
HIS NE2  N Y N 146 
HIS OXT  O N N 147 
HIS H    H N N 148 
HIS H2   H N N 149 
HIS HA   H N N 150 
HIS HB2  H N N 151 
HIS HB3  H N N 152 
HIS HD1  H N N 153 
HIS HD2  H N N 154 
HIS HE1  H N N 155 
HIS HE2  H N N 156 
HIS HXT  H N N 157 
HOH O    O N N 158 
HOH H1   H N N 159 
HOH H2   H N N 160 
ILE N    N N N 161 
ILE CA   C N S 162 
ILE C    C N N 163 
ILE O    O N N 164 
ILE CB   C N S 165 
ILE CG1  C N N 166 
ILE CG2  C N N 167 
ILE CD1  C N N 168 
ILE OXT  O N N 169 
ILE H    H N N 170 
ILE H2   H N N 171 
ILE HA   H N N 172 
ILE HB   H N N 173 
ILE HG12 H N N 174 
ILE HG13 H N N 175 
ILE HG21 H N N 176 
ILE HG22 H N N 177 
ILE HG23 H N N 178 
ILE HD11 H N N 179 
ILE HD12 H N N 180 
ILE HD13 H N N 181 
ILE HXT  H N N 182 
LEU N    N N N 183 
LEU CA   C N S 184 
LEU C    C N N 185 
LEU O    O N N 186 
LEU CB   C N N 187 
LEU CG   C N N 188 
LEU CD1  C N N 189 
LEU CD2  C N N 190 
LEU OXT  O N N 191 
LEU H    H N N 192 
LEU H2   H N N 193 
LEU HA   H N N 194 
LEU HB2  H N N 195 
LEU HB3  H N N 196 
LEU HG   H N N 197 
LEU HD11 H N N 198 
LEU HD12 H N N 199 
LEU HD13 H N N 200 
LEU HD21 H N N 201 
LEU HD22 H N N 202 
LEU HD23 H N N 203 
LEU HXT  H N N 204 
LYS N    N N N 205 
LYS CA   C N S 206 
LYS C    C N N 207 
LYS O    O N N 208 
LYS CB   C N N 209 
LYS CG   C N N 210 
LYS CD   C N N 211 
LYS CE   C N N 212 
LYS NZ   N N N 213 
LYS OXT  O N N 214 
LYS H    H N N 215 
LYS H2   H N N 216 
LYS HA   H N N 217 
LYS HB2  H N N 218 
LYS HB3  H N N 219 
LYS HG2  H N N 220 
LYS HG3  H N N 221 
LYS HD2  H N N 222 
LYS HD3  H N N 223 
LYS HE2  H N N 224 
LYS HE3  H N N 225 
LYS HZ1  H N N 226 
LYS HZ2  H N N 227 
LYS HZ3  H N N 228 
LYS HXT  H N N 229 
MET N    N N N 230 
MET CA   C N S 231 
MET C    C N N 232 
MET O    O N N 233 
MET CB   C N N 234 
MET CG   C N N 235 
MET SD   S N N 236 
MET CE   C N N 237 
MET OXT  O N N 238 
MET H    H N N 239 
MET H2   H N N 240 
MET HA   H N N 241 
MET HB2  H N N 242 
MET HB3  H N N 243 
MET HG2  H N N 244 
MET HG3  H N N 245 
MET HE1  H N N 246 
MET HE2  H N N 247 
MET HE3  H N N 248 
MET HXT  H N N 249 
PHE N    N N N 250 
PHE CA   C N S 251 
PHE C    C N N 252 
PHE O    O N N 253 
PHE CB   C N N 254 
PHE CG   C Y N 255 
PHE CD1  C Y N 256 
PHE CD2  C Y N 257 
PHE CE1  C Y N 258 
PHE CE2  C Y N 259 
PHE CZ   C Y N 260 
PHE OXT  O N N 261 
PHE H    H N N 262 
PHE H2   H N N 263 
PHE HA   H N N 264 
PHE HB2  H N N 265 
PHE HB3  H N N 266 
PHE HD1  H N N 267 
PHE HD2  H N N 268 
PHE HE1  H N N 269 
PHE HE2  H N N 270 
PHE HZ   H N N 271 
PHE HXT  H N N 272 
PRO N    N N N 273 
PRO CA   C N S 274 
PRO C    C N N 275 
PRO O    O N N 276 
PRO CB   C N N 277 
PRO CG   C N N 278 
PRO CD   C N N 279 
PRO OXT  O N N 280 
PRO H    H N N 281 
PRO HA   H N N 282 
PRO HB2  H N N 283 
PRO HB3  H N N 284 
PRO HG2  H N N 285 
PRO HG3  H N N 286 
PRO HD2  H N N 287 
PRO HD3  H N N 288 
PRO HXT  H N N 289 
SER N    N N N 290 
SER CA   C N S 291 
SER C    C N N 292 
SER O    O N N 293 
SER CB   C N N 294 
SER OG   O N N 295 
SER OXT  O N N 296 
SER H    H N N 297 
SER H2   H N N 298 
SER HA   H N N 299 
SER HB2  H N N 300 
SER HB3  H N N 301 
SER HG   H N N 302 
SER HXT  H N N 303 
THR N    N N N 304 
THR CA   C N S 305 
THR C    C N N 306 
THR O    O N N 307 
THR CB   C N R 308 
THR OG1  O N N 309 
THR CG2  C N N 310 
THR OXT  O N N 311 
THR H    H N N 312 
THR H2   H N N 313 
THR HA   H N N 314 
THR HB   H N N 315 
THR HG1  H N N 316 
THR HG21 H N N 317 
THR HG22 H N N 318 
THR HG23 H N N 319 
THR HXT  H N N 320 
TRP N    N N N 321 
TRP CA   C N S 322 
TRP C    C N N 323 
TRP O    O N N 324 
TRP CB   C N N 325 
TRP CG   C Y N 326 
TRP CD1  C Y N 327 
TRP CD2  C Y N 328 
TRP NE1  N Y N 329 
TRP CE2  C Y N 330 
TRP CE3  C Y N 331 
TRP CZ2  C Y N 332 
TRP CZ3  C Y N 333 
TRP CH2  C Y N 334 
TRP OXT  O N N 335 
TRP H    H N N 336 
TRP H2   H N N 337 
TRP HA   H N N 338 
TRP HB2  H N N 339 
TRP HB3  H N N 340 
TRP HD1  H N N 341 
TRP HE1  H N N 342 
TRP HE3  H N N 343 
TRP HZ2  H N N 344 
TRP HZ3  H N N 345 
TRP HH2  H N N 346 
TRP HXT  H N N 347 
TYR N    N N N 348 
TYR CA   C N S 349 
TYR C    C N N 350 
TYR O    O N N 351 
TYR CB   C N N 352 
TYR CG   C Y N 353 
TYR CD1  C Y N 354 
TYR CD2  C Y N 355 
TYR CE1  C Y N 356 
TYR CE2  C Y N 357 
TYR CZ   C Y N 358 
TYR OH   O N N 359 
TYR OXT  O N N 360 
TYR H    H N N 361 
TYR H2   H N N 362 
TYR HA   H N N 363 
TYR HB2  H N N 364 
TYR HB3  H N N 365 
TYR HD1  H N N 366 
TYR HD2  H N N 367 
TYR HE1  H N N 368 
TYR HE2  H N N 369 
TYR HH   H N N 370 
TYR HXT  H N N 371 
VAL N    N N N 372 
VAL CA   C N S 373 
VAL C    C N N 374 
VAL O    O N N 375 
VAL CB   C N N 376 
VAL CG1  C N N 377 
VAL CG2  C N N 378 
VAL OXT  O N N 379 
VAL H    H N N 380 
VAL H2   H N N 381 
VAL HA   H N N 382 
VAL HB   H N N 383 
VAL HG11 H N N 384 
VAL HG12 H N N 385 
VAL HG13 H N N 386 
VAL HG21 H N N 387 
VAL HG22 H N N 388 
VAL HG23 H N N 389 
VAL HXT  H N N 390 
# 
loop_
_chem_comp_bond.comp_id 
_chem_comp_bond.atom_id_1 
_chem_comp_bond.atom_id_2 
_chem_comp_bond.value_order 
_chem_comp_bond.pdbx_aromatic_flag 
_chem_comp_bond.pdbx_stereo_config 
_chem_comp_bond.pdbx_ordinal 
ALA N   CA   sing N N 1   
ALA N   H    sing N N 2   
ALA N   H2   sing N N 3   
ALA CA  C    sing N N 4   
ALA CA  CB   sing N N 5   
ALA CA  HA   sing N N 6   
ALA C   O    doub N N 7   
ALA C   OXT  sing N N 8   
ALA CB  HB1  sing N N 9   
ALA CB  HB2  sing N N 10  
ALA CB  HB3  sing N N 11  
ALA OXT HXT  sing N N 12  
ARG N   CA   sing N N 13  
ARG N   H    sing N N 14  
ARG N   H2   sing N N 15  
ARG CA  C    sing N N 16  
ARG CA  CB   sing N N 17  
ARG CA  HA   sing N N 18  
ARG C   O    doub N N 19  
ARG C   OXT  sing N N 20  
ARG CB  CG   sing N N 21  
ARG CB  HB2  sing N N 22  
ARG CB  HB3  sing N N 23  
ARG CG  CD   sing N N 24  
ARG CG  HG2  sing N N 25  
ARG CG  HG3  sing N N 26  
ARG CD  NE   sing N N 27  
ARG CD  HD2  sing N N 28  
ARG CD  HD3  sing N N 29  
ARG NE  CZ   sing N N 30  
ARG NE  HE   sing N N 31  
ARG CZ  NH1  sing N N 32  
ARG CZ  NH2  doub N N 33  
ARG NH1 HH11 sing N N 34  
ARG NH1 HH12 sing N N 35  
ARG NH2 HH21 sing N N 36  
ARG NH2 HH22 sing N N 37  
ARG OXT HXT  sing N N 38  
ASN N   CA   sing N N 39  
ASN N   H    sing N N 40  
ASN N   H2   sing N N 41  
ASN CA  C    sing N N 42  
ASN CA  CB   sing N N 43  
ASN CA  HA   sing N N 44  
ASN C   O    doub N N 45  
ASN C   OXT  sing N N 46  
ASN CB  CG   sing N N 47  
ASN CB  HB2  sing N N 48  
ASN CB  HB3  sing N N 49  
ASN CG  OD1  doub N N 50  
ASN CG  ND2  sing N N 51  
ASN ND2 HD21 sing N N 52  
ASN ND2 HD22 sing N N 53  
ASN OXT HXT  sing N N 54  
ASP N   CA   sing N N 55  
ASP N   H    sing N N 56  
ASP N   H2   sing N N 57  
ASP CA  C    sing N N 58  
ASP CA  CB   sing N N 59  
ASP CA  HA   sing N N 60  
ASP C   O    doub N N 61  
ASP C   OXT  sing N N 62  
ASP CB  CG   sing N N 63  
ASP CB  HB2  sing N N 64  
ASP CB  HB3  sing N N 65  
ASP CG  OD1  doub N N 66  
ASP CG  OD2  sing N N 67  
ASP OD2 HD2  sing N N 68  
ASP OXT HXT  sing N N 69  
CYS N   CA   sing N N 70  
CYS N   H    sing N N 71  
CYS N   H2   sing N N 72  
CYS CA  C    sing N N 73  
CYS CA  CB   sing N N 74  
CYS CA  HA   sing N N 75  
CYS C   O    doub N N 76  
CYS C   OXT  sing N N 77  
CYS CB  SG   sing N N 78  
CYS CB  HB2  sing N N 79  
CYS CB  HB3  sing N N 80  
CYS SG  HG   sing N N 81  
CYS OXT HXT  sing N N 82  
GLN N   CA   sing N N 83  
GLN N   H    sing N N 84  
GLN N   H2   sing N N 85  
GLN CA  C    sing N N 86  
GLN CA  CB   sing N N 87  
GLN CA  HA   sing N N 88  
GLN C   O    doub N N 89  
GLN C   OXT  sing N N 90  
GLN CB  CG   sing N N 91  
GLN CB  HB2  sing N N 92  
GLN CB  HB3  sing N N 93  
GLN CG  CD   sing N N 94  
GLN CG  HG2  sing N N 95  
GLN CG  HG3  sing N N 96  
GLN CD  OE1  doub N N 97  
GLN CD  NE2  sing N N 98  
GLN NE2 HE21 sing N N 99  
GLN NE2 HE22 sing N N 100 
GLN OXT HXT  sing N N 101 
GLU N   CA   sing N N 102 
GLU N   H    sing N N 103 
GLU N   H2   sing N N 104 
GLU CA  C    sing N N 105 
GLU CA  CB   sing N N 106 
GLU CA  HA   sing N N 107 
GLU C   O    doub N N 108 
GLU C   OXT  sing N N 109 
GLU CB  CG   sing N N 110 
GLU CB  HB2  sing N N 111 
GLU CB  HB3  sing N N 112 
GLU CG  CD   sing N N 113 
GLU CG  HG2  sing N N 114 
GLU CG  HG3  sing N N 115 
GLU CD  OE1  doub N N 116 
GLU CD  OE2  sing N N 117 
GLU OE2 HE2  sing N N 118 
GLU OXT HXT  sing N N 119 
GLY N   CA   sing N N 120 
GLY N   H    sing N N 121 
GLY N   H2   sing N N 122 
GLY CA  C    sing N N 123 
GLY CA  HA2  sing N N 124 
GLY CA  HA3  sing N N 125 
GLY C   O    doub N N 126 
GLY C   OXT  sing N N 127 
GLY OXT HXT  sing N N 128 
HIS N   CA   sing N N 129 
HIS N   H    sing N N 130 
HIS N   H2   sing N N 131 
HIS CA  C    sing N N 132 
HIS CA  CB   sing N N 133 
HIS CA  HA   sing N N 134 
HIS C   O    doub N N 135 
HIS C   OXT  sing N N 136 
HIS CB  CG   sing N N 137 
HIS CB  HB2  sing N N 138 
HIS CB  HB3  sing N N 139 
HIS CG  ND1  sing Y N 140 
HIS CG  CD2  doub Y N 141 
HIS ND1 CE1  doub Y N 142 
HIS ND1 HD1  sing N N 143 
HIS CD2 NE2  sing Y N 144 
HIS CD2 HD2  sing N N 145 
HIS CE1 NE2  sing Y N 146 
HIS CE1 HE1  sing N N 147 
HIS NE2 HE2  sing N N 148 
HIS OXT HXT  sing N N 149 
HOH O   H1   sing N N 150 
HOH O   H2   sing N N 151 
ILE N   CA   sing N N 152 
ILE N   H    sing N N 153 
ILE N   H2   sing N N 154 
ILE CA  C    sing N N 155 
ILE CA  CB   sing N N 156 
ILE CA  HA   sing N N 157 
ILE C   O    doub N N 158 
ILE C   OXT  sing N N 159 
ILE CB  CG1  sing N N 160 
ILE CB  CG2  sing N N 161 
ILE CB  HB   sing N N 162 
ILE CG1 CD1  sing N N 163 
ILE CG1 HG12 sing N N 164 
ILE CG1 HG13 sing N N 165 
ILE CG2 HG21 sing N N 166 
ILE CG2 HG22 sing N N 167 
ILE CG2 HG23 sing N N 168 
ILE CD1 HD11 sing N N 169 
ILE CD1 HD12 sing N N 170 
ILE CD1 HD13 sing N N 171 
ILE OXT HXT  sing N N 172 
LEU N   CA   sing N N 173 
LEU N   H    sing N N 174 
LEU N   H2   sing N N 175 
LEU CA  C    sing N N 176 
LEU CA  CB   sing N N 177 
LEU CA  HA   sing N N 178 
LEU C   O    doub N N 179 
LEU C   OXT  sing N N 180 
LEU CB  CG   sing N N 181 
LEU CB  HB2  sing N N 182 
LEU CB  HB3  sing N N 183 
LEU CG  CD1  sing N N 184 
LEU CG  CD2  sing N N 185 
LEU CG  HG   sing N N 186 
LEU CD1 HD11 sing N N 187 
LEU CD1 HD12 sing N N 188 
LEU CD1 HD13 sing N N 189 
LEU CD2 HD21 sing N N 190 
LEU CD2 HD22 sing N N 191 
LEU CD2 HD23 sing N N 192 
LEU OXT HXT  sing N N 193 
LYS N   CA   sing N N 194 
LYS N   H    sing N N 195 
LYS N   H2   sing N N 196 
LYS CA  C    sing N N 197 
LYS CA  CB   sing N N 198 
LYS CA  HA   sing N N 199 
LYS C   O    doub N N 200 
LYS C   OXT  sing N N 201 
LYS CB  CG   sing N N 202 
LYS CB  HB2  sing N N 203 
LYS CB  HB3  sing N N 204 
LYS CG  CD   sing N N 205 
LYS CG  HG2  sing N N 206 
LYS CG  HG3  sing N N 207 
LYS CD  CE   sing N N 208 
LYS CD  HD2  sing N N 209 
LYS CD  HD3  sing N N 210 
LYS CE  NZ   sing N N 211 
LYS CE  HE2  sing N N 212 
LYS CE  HE3  sing N N 213 
LYS NZ  HZ1  sing N N 214 
LYS NZ  HZ2  sing N N 215 
LYS NZ  HZ3  sing N N 216 
LYS OXT HXT  sing N N 217 
MET N   CA   sing N N 218 
MET N   H    sing N N 219 
MET N   H2   sing N N 220 
MET CA  C    sing N N 221 
MET CA  CB   sing N N 222 
MET CA  HA   sing N N 223 
MET C   O    doub N N 224 
MET C   OXT  sing N N 225 
MET CB  CG   sing N N 226 
MET CB  HB2  sing N N 227 
MET CB  HB3  sing N N 228 
MET CG  SD   sing N N 229 
MET CG  HG2  sing N N 230 
MET CG  HG3  sing N N 231 
MET SD  CE   sing N N 232 
MET CE  HE1  sing N N 233 
MET CE  HE2  sing N N 234 
MET CE  HE3  sing N N 235 
MET OXT HXT  sing N N 236 
PHE N   CA   sing N N 237 
PHE N   H    sing N N 238 
PHE N   H2   sing N N 239 
PHE CA  C    sing N N 240 
PHE CA  CB   sing N N 241 
PHE CA  HA   sing N N 242 
PHE C   O    doub N N 243 
PHE C   OXT  sing N N 244 
PHE CB  CG   sing N N 245 
PHE CB  HB2  sing N N 246 
PHE CB  HB3  sing N N 247 
PHE CG  CD1  doub Y N 248 
PHE CG  CD2  sing Y N 249 
PHE CD1 CE1  sing Y N 250 
PHE CD1 HD1  sing N N 251 
PHE CD2 CE2  doub Y N 252 
PHE CD2 HD2  sing N N 253 
PHE CE1 CZ   doub Y N 254 
PHE CE1 HE1  sing N N 255 
PHE CE2 CZ   sing Y N 256 
PHE CE2 HE2  sing N N 257 
PHE CZ  HZ   sing N N 258 
PHE OXT HXT  sing N N 259 
PRO N   CA   sing N N 260 
PRO N   CD   sing N N 261 
PRO N   H    sing N N 262 
PRO CA  C    sing N N 263 
PRO CA  CB   sing N N 264 
PRO CA  HA   sing N N 265 
PRO C   O    doub N N 266 
PRO C   OXT  sing N N 267 
PRO CB  CG   sing N N 268 
PRO CB  HB2  sing N N 269 
PRO CB  HB3  sing N N 270 
PRO CG  CD   sing N N 271 
PRO CG  HG2  sing N N 272 
PRO CG  HG3  sing N N 273 
PRO CD  HD2  sing N N 274 
PRO CD  HD3  sing N N 275 
PRO OXT HXT  sing N N 276 
SER N   CA   sing N N 277 
SER N   H    sing N N 278 
SER N   H2   sing N N 279 
SER CA  C    sing N N 280 
SER CA  CB   sing N N 281 
SER CA  HA   sing N N 282 
SER C   O    doub N N 283 
SER C   OXT  sing N N 284 
SER CB  OG   sing N N 285 
SER CB  HB2  sing N N 286 
SER CB  HB3  sing N N 287 
SER OG  HG   sing N N 288 
SER OXT HXT  sing N N 289 
THR N   CA   sing N N 290 
THR N   H    sing N N 291 
THR N   H2   sing N N 292 
THR CA  C    sing N N 293 
THR CA  CB   sing N N 294 
THR CA  HA   sing N N 295 
THR C   O    doub N N 296 
THR C   OXT  sing N N 297 
THR CB  OG1  sing N N 298 
THR CB  CG2  sing N N 299 
THR CB  HB   sing N N 300 
THR OG1 HG1  sing N N 301 
THR CG2 HG21 sing N N 302 
THR CG2 HG22 sing N N 303 
THR CG2 HG23 sing N N 304 
THR OXT HXT  sing N N 305 
TRP N   CA   sing N N 306 
TRP N   H    sing N N 307 
TRP N   H2   sing N N 308 
TRP CA  C    sing N N 309 
TRP CA  CB   sing N N 310 
TRP CA  HA   sing N N 311 
TRP C   O    doub N N 312 
TRP C   OXT  sing N N 313 
TRP CB  CG   sing N N 314 
TRP CB  HB2  sing N N 315 
TRP CB  HB3  sing N N 316 
TRP CG  CD1  doub Y N 317 
TRP CG  CD2  sing Y N 318 
TRP CD1 NE1  sing Y N 319 
TRP CD1 HD1  sing N N 320 
TRP CD2 CE2  doub Y N 321 
TRP CD2 CE3  sing Y N 322 
TRP NE1 CE2  sing Y N 323 
TRP NE1 HE1  sing N N 324 
TRP CE2 CZ2  sing Y N 325 
TRP CE3 CZ3  doub Y N 326 
TRP CE3 HE3  sing N N 327 
TRP CZ2 CH2  doub Y N 328 
TRP CZ2 HZ2  sing N N 329 
TRP CZ3 CH2  sing Y N 330 
TRP CZ3 HZ3  sing N N 331 
TRP CH2 HH2  sing N N 332 
TRP OXT HXT  sing N N 333 
TYR N   CA   sing N N 334 
TYR N   H    sing N N 335 
TYR N   H2   sing N N 336 
TYR CA  C    sing N N 337 
TYR CA  CB   sing N N 338 
TYR CA  HA   sing N N 339 
TYR C   O    doub N N 340 
TYR C   OXT  sing N N 341 
TYR CB  CG   sing N N 342 
TYR CB  HB2  sing N N 343 
TYR CB  HB3  sing N N 344 
TYR CG  CD1  doub Y N 345 
TYR CG  CD2  sing Y N 346 
TYR CD1 CE1  sing Y N 347 
TYR CD1 HD1  sing N N 348 
TYR CD2 CE2  doub Y N 349 
TYR CD2 HD2  sing N N 350 
TYR CE1 CZ   doub Y N 351 
TYR CE1 HE1  sing N N 352 
TYR CE2 CZ   sing Y N 353 
TYR CE2 HE2  sing N N 354 
TYR CZ  OH   sing N N 355 
TYR OH  HH   sing N N 356 
TYR OXT HXT  sing N N 357 
VAL N   CA   sing N N 358 
VAL N   H    sing N N 359 
VAL N   H2   sing N N 360 
VAL CA  C    sing N N 361 
VAL CA  CB   sing N N 362 
VAL CA  HA   sing N N 363 
VAL C   O    doub N N 364 
VAL C   OXT  sing N N 365 
VAL CB  CG1  sing N N 366 
VAL CB  CG2  sing N N 367 
VAL CB  HB   sing N N 368 
VAL CG1 HG11 sing N N 369 
VAL CG1 HG12 sing N N 370 
VAL CG1 HG13 sing N N 371 
VAL CG2 HG21 sing N N 372 
VAL CG2 HG22 sing N N 373 
VAL CG2 HG23 sing N N 374 
VAL OXT HXT  sing N N 375 
# 
_atom_sites.entry_id                    1DSL 
_atom_sites.fract_transf_matrix[1][1]   -0.00790822 
_atom_sites.fract_transf_matrix[1][2]   0.01577130 
_atom_sites.fract_transf_matrix[1][3]   -0.02413373 
_atom_sites.fract_transf_matrix[2][1]   0.00775647 
_atom_sites.fract_transf_matrix[2][2]   0.01646326 
_atom_sites.fract_transf_matrix[2][3]   0.00821701 
_atom_sites.fract_transf_matrix[3][1]   0.01662007 
_atom_sites.fract_transf_matrix[3][2]   -0.00385481 
_atom_sites.fract_transf_matrix[3][3]   -0.00796522 
_atom_sites.fract_transf_vector[1]      0.584902 
_atom_sites.fract_transf_vector[2]      0.393963 
_atom_sites.fract_transf_vector[3]      0.696122 
# 
loop_
_atom_type.symbol 
C 
N 
O 
S 
# 
loop_
_atom_site.group_PDB 
_atom_site.id 
_atom_site.type_symbol 
_atom_site.label_atom_id 
_atom_site.label_alt_id 
_atom_site.label_comp_id 
_atom_site.label_asym_id 
_atom_site.label_entity_id 
_atom_site.label_seq_id 
_atom_site.pdbx_PDB_ins_code 
_atom_site.Cartn_x 
_atom_site.Cartn_y 
_atom_site.Cartn_z 
_atom_site.occupancy 
_atom_site.B_iso_or_equiv 
_atom_site.pdbx_formal_charge 
_atom_site.auth_seq_id 
_atom_site.auth_comp_id 
_atom_site.auth_asym_id 
_atom_site.auth_atom_id 
_atom_site.pdbx_PDB_model_num 
ATOM   1   N N   . THR A 1 1  ? -16.403 -3.052  0.596   1.00 29.24 ? 87  THR A N   1 
ATOM   2   C CA  . THR A 1 1  ? -15.659 -1.959  1.193   1.00 28.67 ? 87  THR A CA  1 
ATOM   3   C C   . THR A 1 1  ? -14.237 -2.398  0.827   1.00 24.20 ? 87  THR A C   1 
ATOM   4   O O   . THR A 1 1  ? -14.034 -3.608  0.545   1.00 21.59 ? 87  THR A O   1 
ATOM   5   C CB  . THR A 1 1  ? -15.839 -1.961  2.743   1.00 30.84 ? 87  THR A CB  1 
ATOM   6   O OG1 . THR A 1 1  ? -17.038 -2.738  2.972   1.00 38.38 ? 87  THR A OG1 1 
ATOM   7   C CG2 . THR A 1 1  ? -15.776 -0.513  3.374   1.00 43.49 ? 87  THR A CG2 1 
ATOM   8   N N   . PHE A 1 2  ? -13.294 -1.490  0.792   1.00 10.26 ? 88  PHE A N   1 
ATOM   9   C CA  . PHE A 1 2  ? -11.922 -1.876  0.601   1.00 6.38  ? 88  PHE A CA  1 
ATOM   10  C C   . PHE A 1 2  ? -11.260 -1.243  1.789   1.00 6.94  ? 88  PHE A C   1 
ATOM   11  O O   . PHE A 1 2  ? -11.663 -0.158  2.194   1.00 13.28 ? 88  PHE A O   1 
ATOM   12  C CB  . PHE A 1 2  ? -11.398 -1.293  -0.682  1.00 9.68  ? 88  PHE A CB  1 
ATOM   13  C CG  . PHE A 1 2  ? -11.806 -2.028  -1.964  1.00 6.85  ? 88  PHE A CG  1 
ATOM   14  C CD1 . PHE A 1 2  ? -13.077 -1.821  -2.494  1.00 8.81  ? 88  PHE A CD1 1 
ATOM   15  C CD2 . PHE A 1 2  ? -10.869 -2.822  -2.645  1.00 9.56  ? 88  PHE A CD2 1 
ATOM   16  C CE1 . PHE A 1 2  ? -13.387 -2.408  -3.720  1.00 14.10 ? 88  PHE A CE1 1 
ATOM   17  C CE2 . PHE A 1 2  ? -11.190 -3.397  -3.860  1.00 14.10 ? 88  PHE A CE2 1 
ATOM   18  C CZ  . PHE A 1 2  ? -12.457 -3.187  -4.403  1.00 13.66 ? 88  PHE A CZ  1 
ATOM   19  N N   . ARG A 1 3  ? -10.269 -1.832  2.386   1.00 6.32  ? 89  ARG A N   1 
ATOM   20  C CA  . ARG A 1 3  ? -9.684  -1.204  3.559   1.00 6.82  ? 89  ARG A CA  1 
ATOM   21  C C   . ARG A 1 3  ? -8.299  -1.753  3.768   1.00 8.37  ? 89  ARG A C   1 
ATOM   22  O O   . ARG A 1 3  ? -8.149  -2.986  3.763   1.00 7.83  ? 89  ARG A O   1 
ATOM   23  C CB  . ARG A 1 3  ? -10.479 -1.531  4.793   1.00 10.58 ? 89  ARG A CB  1 
ATOM   24  C CG  . ARG A 1 3  ? -10.003 -0.755  6.018   1.00 9.62  ? 89  ARG A CG  1 
ATOM   25  C CD  . ARG A 1 3  ? -10.822 -1.080  7.272   1.00 10.24 ? 89  ARG A CD  1 
ATOM   26  N NE  . ARG A 1 3  ? -12.216 -1.110  6.881   1.00 24.59 ? 89  ARG A NE  1 
ATOM   27  C CZ  . ARG A 1 3  ? -13.140 -0.173  7.129   1.00 21.00 ? 89  ARG A CZ  1 
ATOM   28  N NH1 . ARG A 1 3  ? -12.897 0.939   7.814   1.00 22.58 ? 89  ARG A NH1 1 
ATOM   29  N NH2 . ARG A 1 3  ? -14.344 -0.352  6.582   1.00 36.47 ? 89  ARG A NH2 1 
ATOM   30  N N   . MET A 1 4  ? -7.307  -0.891  3.960   1.00 6.21  ? 90  MET A N   1 
ATOM   31  C CA  . MET A 1 4  ? -5.962  -1.339  4.311   1.00 7.62  ? 90  MET A CA  1 
ATOM   32  C C   . MET A 1 4  ? -5.327  -0.343  5.260   1.00 6.82  ? 90  MET A C   1 
ATOM   33  O O   . MET A 1 4  ? -5.713  0.830   5.324   1.00 7.47  ? 90  MET A O   1 
ATOM   34  C CB  . MET A 1 4  ? -5.032  -1.501  3.089   1.00 15.14 ? 90  MET A CB  1 
ATOM   35  C CG  . MET A 1 4  ? -4.529  -0.316  2.312   1.00 20.41 ? 90  MET A CG  1 
ATOM   36  S SD  . MET A 1 4  ? -2.875  -0.771  1.713   1.00 26.80 ? 90  MET A SD  1 
ATOM   37  C CE  . MET A 1 4  ? -3.426  -1.434  0.208   1.00 12.48 ? 90  MET A CE  1 
ATOM   38  N N   . ARG A 1 5  ? -4.415  -0.882  6.061   1.00 8.25  ? 91  ARG A N   1 
ATOM   39  C CA  . ARG A 1 5  ? -3.672  -0.115  7.041   1.00 7.41  ? 91  ARG A CA  1 
ATOM   40  C C   . ARG A 1 5  ? -2.186  -0.163  6.675   1.00 7.88  ? 91  ARG A C   1 
ATOM   41  O O   . ARG A 1 5  ? -1.650  -1.249  6.396   1.00 8.47  ? 91  ARG A O   1 
ATOM   42  C CB  . ARG A 1 5  ? -3.862  -0.710  8.424   1.00 12.47 ? 91  ARG A CB  1 
ATOM   43  C CG  . ARG A 1 5  ? -5.305  -0.468  8.875   1.00 12.45 ? 91  ARG A CG  1 
ATOM   44  C CD  . ARG A 1 5  ? -5.547  -1.025  10.292  1.00 16.15 ? 91  ARG A CD  1 
ATOM   45  N NE  . ARG A 1 5  ? -6.943  -0.780  10.629  1.00 18.96 ? 91  ARG A NE  1 
ATOM   46  C CZ  . ARG A 1 5  ? -7.679  -1.613  11.360  1.00 23.39 ? 91  ARG A CZ  1 
ATOM   47  N NH1 . ARG A 1 5  ? -7.135  -2.748  11.837  1.00 16.67 ? 91  ARG A NH1 1 
ATOM   48  N NH2 . ARG A 1 5  ? -8.967  -1.279  11.613  1.00 17.03 ? 91  ARG A NH2 1 
ATOM   49  N N   . ILE A 1 6  ? -1.538  1.003   6.630   1.00 8.66  ? 92  ILE A N   1 
ATOM   50  C CA  . ILE A 1 6  ? -0.134  1.134   6.260   1.00 7.64  ? 92  ILE A CA  1 
ATOM   51  C C   . ILE A 1 6  ? 0.606   1.620   7.485   1.00 7.22  ? 92  ILE A C   1 
ATOM   52  O O   . ILE A 1 6  ? 0.029   2.359   8.296   1.00 7.97  ? 92  ILE A O   1 
ATOM   53  C CB  . ILE A 1 6  ? 0.094   2.147   5.079   1.00 9.54  ? 92  ILE A CB  1 
ATOM   54  C CG1 . ILE A 1 6  ? -0.558  3.468   5.353   1.00 10.38 ? 92  ILE A CG1 1 
ATOM   55  C CG2 . ILE A 1 6  ? -0.453  1.549   3.789   1.00 7.62  ? 92  ILE A CG2 1 
ATOM   56  C CD1 . ILE A 1 6  ? -0.167  4.495   4.273   1.00 19.92 ? 92  ILE A CD1 1 
ATOM   57  N N   . TYR A 1 7  ? 1.829   1.121   7.681   1.00 5.19  ? 93  TYR A N   1 
ATOM   58  C CA  . TYR A 1 7  ? 2.647   1.475   8.831   1.00 5.54  ? 93  TYR A CA  1 
ATOM   59  C C   . TYR A 1 7  ? 4.000   2.002   8.395   1.00 6.23  ? 93  TYR A C   1 
ATOM   60  O O   . TYR A 1 7  ? 4.522   1.719   7.293   1.00 9.20  ? 93  TYR A O   1 
ATOM   61  C CB  . TYR A 1 7  ? 2.889   0.280   9.737   1.00 7.46  ? 93  TYR A CB  1 
ATOM   62  C CG  . TYR A 1 7  ? 1.653   -0.272  10.399  1.00 7.05  ? 93  TYR A CG  1 
ATOM   63  C CD1 . TYR A 1 7  ? 0.807   -1.078  9.654   1.00 10.84 ? 93  TYR A CD1 1 
ATOM   64  C CD2 . TYR A 1 7  ? 1.411   -0.046  11.742  1.00 7.84  ? 93  TYR A CD2 1 
ATOM   65  C CE1 . TYR A 1 7  ? -0.294  -1.674  10.252  1.00 12.02 ? 93  TYR A CE1 1 
ATOM   66  C CE2 . TYR A 1 7  ? 0.330   -0.656  12.364  1.00 8.16  ? 93  TYR A CE2 1 
ATOM   67  C CZ  . TYR A 1 7  ? -0.511  -1.466  11.600  1.00 8.82  ? 93  TYR A CZ  1 
ATOM   68  O OH  . TYR A 1 7  ? -1.571  -2.153  12.179  1.00 18.58 ? 93  TYR A OH  1 
ATOM   69  N N   . GLU A 1 8  ? 4.495   2.854   9.281   1.00 5.84  ? 94  GLU A N   1 
ATOM   70  C CA  . GLU A 1 8  ? 5.735   3.523   9.038   1.00 7.45  ? 94  GLU A CA  1 
ATOM   71  C C   . GLU A 1 8  ? 6.969   2.643   9.080   1.00 10.12 ? 94  GLU A C   1 
ATOM   72  O O   . GLU A 1 8  ? 7.943   2.904   8.361   1.00 10.42 ? 94  GLU A O   1 
ATOM   73  C CB  . GLU A 1 8  ? 5.954   4.622   10.042  1.00 13.12 ? 94  GLU A CB  1 
ATOM   74  C CG  . GLU A 1 8  ? 4.949   5.718   10.055  1.00 17.16 ? 94  GLU A CG  1 
ATOM   75  C CD  . GLU A 1 8  ? 5.434   6.813   10.954  1.00 22.90 ? 94  GLU A CD  1 
ATOM   76  O OE1 . GLU A 1 8  ? 5.634   6.565   12.152  1.00 19.59 ? 94  GLU A OE1 1 
ATOM   77  O OE2 . GLU A 1 8  ? 5.627   7.905   10.411  1.00 24.44 ? 94  GLU A OE2 1 
ATOM   78  N N   . ARG A 1 9  ? 6.968   1.676   10.008  1.00 11.04 ? 95  ARG A N   1 
ATOM   79  C CA  . ARG A 1 9  ? 8.084   0.783   10.172  1.00 5.97  ? 95  ARG A CA  1 
ATOM   80  C C   . ARG A 1 9  ? 7.602   -0.637  9.843   1.00 3.98  ? 95  ARG A C   1 
ATOM   81  O O   . ARG A 1 9  ? 6.405   -0.891  9.632   1.00 7.25  ? 95  ARG A O   1 
ATOM   82  C CB  . ARG A 1 9  ? 8.557   0.871   11.599  1.00 7.17  ? 95  ARG A CB  1 
ATOM   83  C CG  . ARG A 1 9  ? 8.991   2.242   12.072  1.00 8.55  ? 95  ARG A CG  1 
ATOM   84  C CD  . ARG A 1 9  ? 9.727   1.956   13.354  1.00 10.58 ? 95  ARG A CD  1 
ATOM   85  N NE  . ARG A 1 9  ? 10.174  3.209   13.912  1.00 20.86 ? 95  ARG A NE  1 
ATOM   86  C CZ  . ARG A 1 9  ? 11.463  3.431   14.293  1.00 38.80 ? 95  ARG A CZ  1 
ATOM   87  N NH1 . ARG A 1 9  ? 12.450  2.487   14.172  1.00 24.42 ? 95  ARG A NH1 1 
ATOM   88  N NH2 . ARG A 1 9  ? 11.749  4.598   14.909  1.00 24.00 ? 95  ARG A NH2 1 
ATOM   89  N N   . ASP A 1 10 ? 8.530   -1.551  9.686   1.00 5.46  ? 96  ASP A N   1 
ATOM   90  C CA  . ASP A 1 10 ? 8.167   -2.930  9.419   1.00 6.10  ? 96  ASP A CA  1 
ATOM   91  C C   . ASP A 1 10 ? 7.502   -3.514  10.653  1.00 5.17  ? 96  ASP A C   1 
ATOM   92  O O   . ASP A 1 10 ? 7.471   -2.942  11.755  1.00 9.59  ? 96  ASP A O   1 
ATOM   93  C CB  . ASP A 1 10 ? 9.408   -3.767  9.069   1.00 8.52  ? 96  ASP A CB  1 
ATOM   94  C CG  . ASP A 1 10 ? 10.576  -3.849  10.079  1.00 13.20 ? 96  ASP A CG  1 
ATOM   95  O OD1 . ASP A 1 10 ? 10.748  -2.962  10.896  1.00 14.14 ? 96  ASP A OD1 1 
ATOM   96  O OD2 . ASP A 1 10 ? 11.348  -4.807  10.055  1.00 19.26 ? 96  ASP A OD2 1 
ATOM   97  N N   . ASP A 1 11 ? 6.955   -4.710  10.426  1.00 5.42  ? 97  ASP A N   1 
ATOM   98  C CA  . ASP A 1 11 ? 6.324   -5.467  11.461  1.00 9.03  ? 97  ASP A CA  1 
ATOM   99  C C   . ASP A 1 11 ? 5.236   -4.699  12.230  1.00 8.11  ? 97  ASP A C   1 
ATOM   100 O O   . ASP A 1 11 ? 5.079   -4.849  13.456  1.00 11.37 ? 97  ASP A O   1 
ATOM   101 C CB  . ASP A 1 11 ? 7.446   -6.006  12.431  1.00 8.49  ? 97  ASP A CB  1 
ATOM   102 C CG  . ASP A 1 11 ? 8.192   -7.181  11.848  1.00 7.21  ? 97  ASP A CG  1 
ATOM   103 O OD1 . ASP A 1 11 ? 7.556   -7.976  11.178  1.00 12.24 ? 97  ASP A OD1 1 
ATOM   104 O OD2 . ASP A 1 11 ? 9.401   -7.281  12.026  1.00 16.66 ? 97  ASP A OD2 1 
ATOM   105 N N   . PHE A 1 12 ? 4.464   -3.870  11.522  1.00 7.61  ? 98  PHE A N   1 
ATOM   106 C CA  . PHE A 1 12 ? 3.333   -3.113  12.070  1.00 9.31  ? 98  PHE A CA  1 
ATOM   107 C C   . PHE A 1 12 ? 3.657   -2.207  13.246  1.00 7.54  ? 98  PHE A C   1 
ATOM   108 O O   . PHE A 1 12 ? 2.907   -2.146  14.236  1.00 11.93 ? 98  PHE A O   1 
ATOM   109 C CB  . PHE A 1 12 ? 2.201   -4.107  12.478  1.00 11.95 ? 98  PHE A CB  1 
ATOM   110 C CG  . PHE A 1 12 ? 1.828   -5.088  11.359  1.00 9.32  ? 98  PHE A CG  1 
ATOM   111 C CD1 . PHE A 1 12 ? 1.621   -4.650  10.044  1.00 9.60  ? 98  PHE A CD1 1 
ATOM   112 C CD2 . PHE A 1 12 ? 1.736   -6.444  11.653  1.00 13.07 ? 98  PHE A CD2 1 
ATOM   113 C CE1 . PHE A 1 12 ? 1.333   -5.551  9.034   1.00 10.95 ? 98  PHE A CE1 1 
ATOM   114 C CE2 . PHE A 1 12 ? 1.447   -7.340  10.623  1.00 27.40 ? 98  PHE A CE2 1 
ATOM   115 C CZ  . PHE A 1 12 ? 1.247   -6.902  9.321   1.00 14.42 ? 98  PHE A CZ  1 
ATOM   116 N N   . ARG A 1 13 ? 4.829   -1.597  13.135  1.00 12.34 ? 99  ARG A N   1 
ATOM   117 C CA  . ARG A 1 13 ? 5.362   -0.670  14.120  1.00 8.45  ? 99  ARG A CA  1 
ATOM   118 C C   . ARG A 1 13 ? 5.241   0.736   13.568  1.00 10.23 ? 99  ARG A C   1 
ATOM   119 O O   . ARG A 1 13 ? 5.184   0.982   12.362  1.00 13.04 ? 99  ARG A O   1 
ATOM   120 C CB  . ARG A 1 13 ? 6.815   -0.987  14.373  1.00 12.32 ? 99  ARG A CB  1 
ATOM   121 C CG  . ARG A 1 13 ? 7.065   -2.378  15.014  1.00 15.76 ? 99  ARG A CG  1 
ATOM   122 C CD  . ARG A 1 13 ? 8.494   -2.902  14.822  1.00 13.66 ? 99  ARG A CD  1 
ATOM   123 N NE  . ARG A 1 13 ? 9.386   -1.916  15.351  1.00 23.91 ? 99  ARG A NE  1 
ATOM   124 C CZ  . ARG A 1 13 ? 10.462  -1.502  14.698  1.00 26.17 ? 99  ARG A CZ  1 
ATOM   125 N NH1 . ARG A 1 13 ? 10.768  -2.019  13.487  1.00 27.38 ? 99  ARG A NH1 1 
ATOM   126 N NH2 . ARG A 1 13 ? 11.162  -0.495  15.243  1.00 27.46 ? 99  ARG A NH2 1 
ATOM   127 N N   . GLY A 1 14 ? 5.230   1.700   14.456  1.00 16.18 ? 100 GLY A N   1 
ATOM   128 C CA  . GLY A 1 14 ? 5.162   3.088   14.048  1.00 15.03 ? 100 GLY A CA  1 
ATOM   129 C C   . GLY A 1 14 ? 3.716   3.482   13.833  1.00 11.77 ? 100 GLY A C   1 
ATOM   130 O O   . GLY A 1 14 ? 2.788   2.718   14.151  1.00 13.44 ? 100 GLY A O   1 
ATOM   131 N N   . GLN A 1 15 ? 3.533   4.694   13.298  1.00 11.09 ? 101 GLN A N   1 
ATOM   132 C CA  . GLN A 1 15 ? 2.186   5.226   13.068  1.00 15.02 ? 101 GLN A CA  1 
ATOM   133 C C   . GLN A 1 15 ? 1.493   4.467   11.939  1.00 8.03  ? 101 GLN A C   1 
ATOM   134 O O   . GLN A 1 15 ? 2.134   4.046   10.964  1.00 14.24 ? 101 GLN A O   1 
ATOM   135 C CB  . GLN A 1 15 ? 2.281   6.704   12.733  1.00 12.17 ? 101 GLN A CB  1 
ATOM   136 C CG  . GLN A 1 15 ? 2.636   7.461   14.025  1.00 32.28 ? 101 GLN A CG  1 
ATOM   137 C CD  . GLN A 1 15 ? 2.908   8.978   13.873  1.00 42.84 ? 101 GLN A CD  1 
ATOM   138 O OE1 . GLN A 1 15 ? 2.007   9.842   13.783  1.00 49.30 ? 101 GLN A OE1 1 
ATOM   139 N NE2 . GLN A 1 15 ? 4.182   9.378   13.946  1.00 46.30 ? 101 GLN A NE2 1 
ATOM   140 N N   . MET A 1 16 ? 0.197   4.279   12.079  1.00 12.17 ? 102 MET A N   1 
ATOM   141 C CA  . MET A 1 16 ? -0.621  3.506   11.158  1.00 12.47 ? 102 MET A CA  1 
ATOM   142 C C   . MET A 1 16 ? -1.557  4.487   10.500  1.00 7.45  ? 102 MET A C   1 
ATOM   143 O O   . MET A 1 16 ? -2.026  5.387   11.203  1.00 14.02 ? 102 MET A O   1 
ATOM   144 C CB  . MET A 1 16 ? -1.416  2.466   11.951  1.00 15.87 ? 102 MET A CB  1 
ATOM   145 C CG  . MET A 1 16 ? -2.515  1.588   11.300  1.00 20.37 ? 102 MET A CG  1 
ATOM   146 S SD  . MET A 1 16 ? -4.046  2.462   10.796  1.00 18.18 ? 102 MET A SD  1 
ATOM   147 C CE  . MET A 1 16 ? -4.828  2.499   12.393  1.00 26.34 ? 102 MET A CE  1 
ATOM   148 N N   . SER A 1 17 ? -1.839  4.351   9.210   1.00 9.89  ? 103 SER A N   1 
ATOM   149 C CA  . SER A 1 17 ? -2.799  5.161   8.492   1.00 11.62 ? 103 SER A CA  1 
ATOM   150 C C   . SER A 1 17 ? -3.762  4.199   7.805   1.00 12.36 ? 103 SER A C   1 
ATOM   151 O O   . SER A 1 17 ? -3.322  3.217   7.206   1.00 10.95 ? 103 SER A O   1 
ATOM   152 C CB  . SER A 1 17 ? -2.088  6.001   7.469   1.00 13.87 ? 103 SER A CB  1 
ATOM   153 O OG  . SER A 1 17 ? -1.181  6.933   8.068   1.00 20.26 ? 103 SER A OG  1 
ATOM   154 N N   . GLU A 1 18 ? -5.068  4.444   7.885   1.00 14.12 ? 104 GLU A N   1 
ATOM   155 C CA  . GLU A 1 18 ? -6.047  3.555   7.252   1.00 10.46 ? 104 GLU A CA  1 
ATOM   156 C C   . GLU A 1 18 ? -6.572  4.219   5.989   1.00 8.74  ? 104 GLU A C   1 
ATOM   157 O O   . GLU A 1 18 ? -6.854  5.436   5.967   1.00 11.50 ? 104 GLU A O   1 
ATOM   158 C CB  . GLU A 1 18 ? -7.189  3.304   8.203   1.00 12.77 ? 104 GLU A CB  1 
ATOM   159 C CG  . GLU A 1 18 ? -7.856  1.928   8.013   1.00 21.50 ? 104 GLU A CG  1 
ATOM   160 C CD  . GLU A 1 18 ? -8.967  1.733   9.046   1.00 23.02 ? 104 GLU A CD  1 
ATOM   161 O OE1 . GLU A 1 18 ? -8.683  1.712   10.259  1.00 31.36 ? 104 GLU A OE1 1 
ATOM   162 O OE2 . GLU A 1 18 ? -10.132 1.689   8.632   1.00 25.03 ? 104 GLU A OE2 1 
ATOM   163 N N   . ILE A 1 19 ? -6.631  3.431   4.937   1.00 8.08  ? 105 ILE A N   1 
ATOM   164 C CA  . ILE A 1 19 ? -7.075  3.877   3.619   1.00 8.24  ? 105 ILE A CA  1 
ATOM   165 C C   . ILE A 1 19 ? -8.285  3.038   3.158   1.00 11.01 ? 105 ILE A C   1 
ATOM   166 O O   . ILE A 1 19 ? -8.344  1.815   3.322   1.00 12.12 ? 105 ILE A O   1 
ATOM   167 C CB  . ILE A 1 19 ? -5.880  3.749   2.588   1.00 11.27 ? 105 ILE A CB  1 
ATOM   168 C CG1 . ILE A 1 19 ? -4.770  4.720   2.981   1.00 27.51 ? 105 ILE A CG1 1 
ATOM   169 C CG2 . ILE A 1 19 ? -6.299  4.130   1.184   1.00 11.37 ? 105 ILE A CG2 1 
ATOM   170 C CD1 . ILE A 1 19 ? -3.500  4.685   2.104   1.00 28.93 ? 105 ILE A CD1 1 
ATOM   171 N N   . THR A 1 20 ? -9.292  3.697   2.580   1.00 7.74  ? 106 THR A N   1 
ATOM   172 C CA  . THR A 1 20 ? -10.462 2.992   2.057   1.00 11.00 ? 106 THR A CA  1 
ATOM   173 C C   . THR A 1 20 ? -10.806 3.396   0.594   1.00 7.97  ? 106 THR A C   1 
ATOM   174 O O   . THR A 1 20 ? -11.813 2.951   0.007   1.00 12.57 ? 106 THR A O   1 
ATOM   175 C CB  . THR A 1 20 ? -11.708 3.248   3.025   1.00 25.48 ? 106 THR A CB  1 
ATOM   176 O OG1 . THR A 1 20 ? -11.871 4.688   3.125   1.00 19.67 ? 106 THR A OG1 1 
ATOM   177 C CG2 . THR A 1 20 ? -11.556 2.645   4.445   1.00 9.92  ? 106 THR A CG2 1 
ATOM   178 N N   . ASP A 1 21 ? -9.972  4.291   0.014   1.00 9.30  ? 107 ASP A N   1 
ATOM   179 C CA  . ASP A 1 21 ? -10.222 4.900   -1.287  1.00 9.57  ? 107 ASP A CA  1 
ATOM   180 C C   . ASP A 1 21 ? -8.922  5.022   -2.081  1.00 8.86  ? 107 ASP A C   1 
ATOM   181 O O   . ASP A 1 21 ? -7.816  4.953   -1.534  1.00 12.51 ? 107 ASP A O   1 
ATOM   182 C CB  . ASP A 1 21 ? -10.810 6.315   -1.111  1.00 9.95  ? 107 ASP A CB  1 
ATOM   183 C CG  . ASP A 1 21 ? -11.888 6.475   -0.046  1.00 37.21 ? 107 ASP A CG  1 
ATOM   184 O OD1 . ASP A 1 21 ? -12.876 5.692   -0.047  1.00 38.43 ? 107 ASP A OD1 1 
ATOM   185 O OD2 . ASP A 1 21 ? -11.721 7.392   0.806   1.00 41.50 ? 107 ASP A OD2 1 
ATOM   186 N N   . ASP A 1 22 ? -9.017  5.221   -3.372  1.00 7.37  ? 108 ASP A N   1 
ATOM   187 C CA  . ASP A 1 22 ? -7.826  5.354   -4.185  1.00 6.33  ? 108 ASP A CA  1 
ATOM   188 C C   . ASP A 1 22 ? -7.037  6.548   -3.792  1.00 7.72  ? 108 ASP A C   1 
ATOM   189 O O   . ASP A 1 22 ? -7.644  7.554   -3.416  1.00 13.08 ? 108 ASP A O   1 
ATOM   190 C CB  . ASP A 1 22 ? -8.170  5.507   -5.648  1.00 11.81 ? 108 ASP A CB  1 
ATOM   191 C CG  . ASP A 1 22 ? -8.880  4.291   -6.196  1.00 22.28 ? 108 ASP A CG  1 
ATOM   192 O OD1 . ASP A 1 22 ? -8.761  3.208   -5.599  1.00 9.03  ? 108 ASP A OD1 1 
ATOM   193 O OD2 . ASP A 1 22 ? -9.584  4.444   -7.205  1.00 20.67 ? 108 ASP A OD2 1 
ATOM   194 N N   . CYS A 1 23 ? -5.712  6.425   -3.925  1.00 6.76  ? 109 CYS A N   1 
ATOM   195 C CA  . CYS A 1 23 ? -4.798  7.457   -3.506  1.00 10.30 ? 109 CYS A CA  1 
ATOM   196 C C   . CYS A 1 23 ? -3.742  7.711   -4.579  1.00 8.08  ? 109 CYS A C   1 
ATOM   197 O O   . CYS A 1 23 ? -2.718  7.030   -4.661  1.00 8.34  ? 109 CYS A O   1 
ATOM   198 C CB  . CYS A 1 23 ? -4.128  7.039   -2.188  1.00 13.27 ? 109 CYS A CB  1 
ATOM   199 S SG  . CYS A 1 23 ? -3.227  8.445   -1.528  1.00 20.30 ? 109 CYS A SG  1 
ATOM   200 N N   . PRO A 1 24 ? -3.957  8.721   -5.445  1.00 12.15 ? 110 PRO A N   1 
ATOM   201 C CA  . PRO A 1 24 ? -2.992  9.043   -6.486  1.00 15.29 ? 110 PRO A CA  1 
ATOM   202 C C   . PRO A 1 24 ? -1.658  9.607   -5.954  1.00 13.11 ? 110 PRO A C   1 
ATOM   203 O O   . PRO A 1 24 ? -0.670  9.545   -6.666  1.00 11.53 ? 110 PRO A O   1 
ATOM   204 C CB  . PRO A 1 24 ? -3.792  9.977   -7.423  1.00 10.99 ? 110 PRO A CB  1 
ATOM   205 C CG  . PRO A 1 24 ? -4.885  10.606  -6.549  1.00 26.67 ? 110 PRO A CG  1 
ATOM   206 C CD  . PRO A 1 24 ? -5.165  9.579   -5.458  1.00 11.25 ? 110 PRO A CD  1 
ATOM   207 N N   . SER A 1 25 ? -1.537  10.113  -4.729  1.00 13.50 ? 111 SER A N   1 
ATOM   208 C CA  . SER A 1 25 ? -0.289  10.628  -4.226  1.00 10.42 ? 111 SER A CA  1 
ATOM   209 C C   . SER A 1 25 ? -0.297  10.434  -2.711  1.00 9.73  ? 111 SER A C   1 
ATOM   210 O O   . SER A 1 25 ? -0.950  11.161  -1.958  1.00 13.67 ? 111 SER A O   1 
ATOM   211 C CB  . SER A 1 25 ? -0.210  12.084  -4.567  1.00 12.82 ? 111 SER A CB  1 
ATOM   212 O OG  . SER A 1 25 ? 0.911   12.635  -3.898  1.00 20.90 ? 111 SER A OG  1 
ATOM   213 N N   . LEU A 1 26 ? 0.467   9.458   -2.228  1.00 13.11 ? 112 LEU A N   1 
ATOM   214 C CA  . LEU A 1 26 ? 0.519   9.152   -0.799  1.00 7.50  ? 112 LEU A CA  1 
ATOM   215 C C   . LEU A 1 26 ? 1.226   10.291  -0.084  1.00 12.39 ? 112 LEU A C   1 
ATOM   216 O O   . LEU A 1 26 ? 0.872   10.590  1.068   1.00 19.19 ? 112 LEU A O   1 
ATOM   217 C CB  . LEU A 1 26 ? 1.269   7.873   -0.669  1.00 18.21 ? 112 LEU A CB  1 
ATOM   218 C CG  . LEU A 1 26 ? 0.957   6.965   0.475   1.00 24.88 ? 112 LEU A CG  1 
ATOM   219 C CD1 . LEU A 1 26 ? -0.421  6.362   0.275   1.00 25.70 ? 112 LEU A CD1 1 
ATOM   220 C CD2 . LEU A 1 26 ? 1.969   5.845   0.513   1.00 30.80 ? 112 LEU A CD2 1 
ATOM   221 N N   . GLN A 1 27 ? 2.216   10.938  -0.743  1.00 12.05 ? 113 GLN A N   1 
ATOM   222 C CA  . GLN A 1 27 ? 2.942   12.113  -0.220  1.00 14.50 ? 113 GLN A CA  1 
ATOM   223 C C   . GLN A 1 27 ? 2.014   13.297  0.123   1.00 18.10 ? 113 GLN A C   1 
ATOM   224 O O   . GLN A 1 27 ? 2.086   13.942  1.179   1.00 17.64 ? 113 GLN A O   1 
ATOM   225 C CB  . GLN A 1 27 ? 3.984   12.556  -1.280  1.00 16.72 ? 113 GLN A CB  1 
ATOM   226 C CG  . GLN A 1 27 ? 4.853   13.803  -1.051  1.00 28.41 ? 113 GLN A CG  1 
ATOM   227 C CD  . GLN A 1 27 ? 5.831   13.638  0.122   1.00 28.34 ? 113 GLN A CD  1 
ATOM   228 O OE1 . GLN A 1 27 ? 5.519   12.970  1.111   1.00 47.69 ? 113 GLN A OE1 1 
ATOM   229 N NE2 . GLN A 1 27 ? 7.058   14.166  0.116   1.00 29.28 ? 113 GLN A NE2 1 
ATOM   230 N N   . ASP A 1 28 ? 1.089   13.605  -0.768  1.00 15.74 ? 114 ASP A N   1 
ATOM   231 C CA  . ASP A 1 28 ? 0.155   14.695  -0.574  1.00 23.11 ? 114 ASP A CA  1 
ATOM   232 C C   . ASP A 1 28 ? -0.843  14.529  0.578   1.00 23.66 ? 114 ASP A C   1 
ATOM   233 O O   . ASP A 1 28 ? -1.080  15.462  1.369   1.00 33.24 ? 114 ASP A O   1 
ATOM   234 C CB  . ASP A 1 28 ? -0.662  14.907  -1.862  1.00 20.25 ? 114 ASP A CB  1 
ATOM   235 C CG  . ASP A 1 28 ? 0.066   15.565  -3.016  1.00 30.71 ? 114 ASP A CG  1 
ATOM   236 O OD1 . ASP A 1 28 ? 1.134   16.175  -2.850  1.00 29.96 ? 114 ASP A OD1 1 
ATOM   237 O OD2 . ASP A 1 28 ? -0.479  15.442  -4.116  1.00 42.29 ? 114 ASP A OD2 1 
ATOM   238 N N   . ARG A 1 29 ? -1.390  13.306  0.615   1.00 16.22 ? 115 ARG A N   1 
ATOM   239 C CA  . ARG A 1 29 ? -2.451  12.913  1.509   1.00 14.80 ? 115 ARG A CA  1 
ATOM   240 C C   . ARG A 1 29 ? -1.896  12.519  2.850   1.00 25.23 ? 115 ARG A C   1 
ATOM   241 O O   . ARG A 1 29 ? -2.474  12.842  3.884   1.00 22.95 ? 115 ARG A O   1 
ATOM   242 C CB  . ARG A 1 29 ? -3.209  11.732  0.909   1.00 20.16 ? 115 ARG A CB  1 
ATOM   243 C CG  . ARG A 1 29 ? -4.692  11.600  1.121   1.00 19.15 ? 115 ARG A CG  1 
ATOM   244 C CD  . ARG A 1 29 ? -5.085  11.387  2.580   1.00 36.64 ? 115 ARG A CD  1 
ATOM   245 N NE  . ARG A 1 29 ? -6.466  10.905  2.749   1.00 39.29 ? 115 ARG A NE  1 
ATOM   246 C CZ  . ARG A 1 29 ? -7.092  11.130  3.917   1.00 39.16 ? 115 ARG A CZ  1 
ATOM   247 N NH1 . ARG A 1 29 ? -6.463  11.790  4.935   1.00 46.12 ? 115 ARG A NH1 1 
ATOM   248 N NH2 . ARG A 1 29 ? -8.361  10.709  4.092   1.00 40.20 ? 115 ARG A NH2 1 
ATOM   249 N N   . PHE A 1 30 ? -0.775  11.825  2.904   1.00 20.53 ? 116 PHE A N   1 
ATOM   250 C CA  . PHE A 1 30 ? -0.325  11.303  4.171   1.00 21.21 ? 116 PHE A CA  1 
ATOM   251 C C   . PHE A 1 30 ? 1.060   11.794  4.529   1.00 26.24 ? 116 PHE A C   1 
ATOM   252 O O   . PHE A 1 30 ? 1.565   11.460  5.620   1.00 29.84 ? 116 PHE A O   1 
ATOM   253 C CB  . PHE A 1 30 ? -0.355  9.757   4.102   1.00 24.08 ? 116 PHE A CB  1 
ATOM   254 C CG  . PHE A 1 30 ? -1.757  9.175   4.069   1.00 21.30 ? 116 PHE A CG  1 
ATOM   255 C CD1 . PHE A 1 30 ? -2.577  9.270   5.211   1.00 29.83 ? 116 PHE A CD1 1 
ATOM   256 C CD2 . PHE A 1 30 ? -2.236  8.555   2.928   1.00 21.20 ? 116 PHE A CD2 1 
ATOM   257 C CE1 . PHE A 1 30 ? -3.866  8.741   5.210   1.00 15.66 ? 116 PHE A CE1 1 
ATOM   258 C CE2 . PHE A 1 30 ? -3.534  8.031   2.933   1.00 33.40 ? 116 PHE A CE2 1 
ATOM   259 C CZ  . PHE A 1 30 ? -4.350  8.125   4.081   1.00 22.86 ? 116 PHE A CZ  1 
ATOM   260 N N   . HIS A 1 31 ? 1.670   12.605  3.657   1.00 18.49 ? 117 HIS A N   1 
ATOM   261 C CA  . HIS A 1 31 ? 3.023   13.140  3.828   1.00 20.78 ? 117 HIS A CA  1 
ATOM   262 C C   . HIS A 1 31 ? 3.988   11.986  4.058   1.00 20.97 ? 117 HIS A C   1 
ATOM   263 O O   . HIS A 1 31 ? 4.885   12.075  4.927   1.00 32.05 ? 117 HIS A O   1 
ATOM   264 C CB  . HIS A 1 31 ? 3.107   14.119  5.029   1.00 25.15 ? 117 HIS A CB  1 
ATOM   265 C CG  . HIS A 1 31 ? 2.129   15.273  4.845   1.00 37.54 ? 117 HIS A CG  1 
ATOM   266 N ND1 . HIS A 1 31 ? 0.789   15.205  4.671   1.00 49.59 ? 117 HIS A ND1 1 
ATOM   267 C CD2 . HIS A 1 31 ? 2.514   16.584  4.706   1.00 31.06 ? 117 HIS A CD2 1 
ATOM   268 C CE1 . HIS A 1 31 ? 0.358   16.431  4.423   1.00 40.38 ? 117 HIS A CE1 1 
ATOM   269 N NE2 . HIS A 1 31 ? 1.405   17.248  4.448   1.00 36.25 ? 117 HIS A NE2 1 
ATOM   270 N N   . LEU A 1 32 ? 3.794   10.939  3.235   1.00 22.88 ? 118 LEU A N   1 
ATOM   271 C CA  . LEU A 1 32 ? 4.514   9.680   3.379   1.00 19.65 ? 118 LEU A CA  1 
ATOM   272 C C   . LEU A 1 32 ? 5.166   9.344   2.032   1.00 13.12 ? 118 LEU A C   1 
ATOM   273 O O   . LEU A 1 32 ? 4.525   9.538   0.998   1.00 12.95 ? 118 LEU A O   1 
ATOM   274 C CB  . LEU A 1 32 ? 3.426   8.684   3.851   1.00 24.86 ? 118 LEU A CB  1 
ATOM   275 C CG  . LEU A 1 32 ? 3.503   7.399   4.712   1.00 31.39 ? 118 LEU A CG  1 
ATOM   276 C CD1 . LEU A 1 32 ? 4.562   7.535   5.862   1.00 25.32 ? 118 LEU A CD1 1 
ATOM   277 C CD2 . LEU A 1 32 ? 2.090   7.112   5.232   1.00 21.58 ? 118 LEU A CD2 1 
ATOM   278 N N   . THR A 1 33 ? 6.435   8.917   1.936   1.00 17.23 ? 119 THR A N   1 
ATOM   279 C CA  . THR A 1 33 ? 7.004   8.414   0.674   1.00 7.70  ? 119 THR A CA  1 
ATOM   280 C C   . THR A 1 33 ? 7.322   6.893   0.619   1.00 7.39  ? 119 THR A C   1 
ATOM   281 O O   . THR A 1 33 ? 7.761   6.330   -0.403  1.00 10.67 ? 119 THR A O   1 
ATOM   282 C CB  . THR A 1 33 ? 8.292   9.236   0.359   1.00 15.91 ? 119 THR A CB  1 
ATOM   283 O OG1 . THR A 1 33 ? 9.197   9.151   1.474   1.00 14.27 ? 119 THR A OG1 1 
ATOM   284 C CG2 . THR A 1 33 ? 7.936   10.675  0.032   1.00 23.15 ? 119 THR A CG2 1 
ATOM   285 N N   . GLU A 1 34 ? 7.202   6.214   1.789   1.00 10.97 ? 120 GLU A N   1 
ATOM   286 C CA  . GLU A 1 34 ? 7.560   4.809   1.932   1.00 9.37  ? 120 GLU A CA  1 
ATOM   287 C C   . GLU A 1 34 ? 6.550   4.142   2.838   1.00 12.58 ? 120 GLU A C   1 
ATOM   288 O O   . GLU A 1 34 ? 5.998   4.790   3.729   1.00 12.64 ? 120 GLU A O   1 
ATOM   289 C CB  . GLU A 1 34 ? 8.892   4.608   2.586   1.00 7.35  ? 120 GLU A CB  1 
ATOM   290 C CG  . GLU A 1 34 ? 10.022  5.305   1.881   1.00 8.95  ? 120 GLU A CG  1 
ATOM   291 C CD  . GLU A 1 34 ? 11.414  5.026   2.430   1.00 14.76 ? 120 GLU A CD  1 
ATOM   292 O OE1 . GLU A 1 34 ? 11.579  4.183   3.307   1.00 7.21  ? 120 GLU A OE1 1 
ATOM   293 O OE2 . GLU A 1 34 ? 12.355  5.663   1.950   1.00 12.10 ? 120 GLU A OE2 1 
ATOM   294 N N   . VAL A 1 35 ? 6.308   2.863   2.615   1.00 6.69  ? 121 VAL A N   1 
ATOM   295 C CA  . VAL A 1 35 ? 5.406   2.086   3.471   1.00 7.04  ? 121 VAL A CA  1 
ATOM   296 C C   . VAL A 1 35 ? 6.252   0.867   3.784   1.00 5.74  ? 121 VAL A C   1 
ATOM   297 O O   . VAL A 1 35 ? 6.772   0.231   2.865   1.00 8.34  ? 121 VAL A O   1 
ATOM   298 C CB  . VAL A 1 35 ? 4.117   1.598   2.767   1.00 9.09  ? 121 VAL A CB  1 
ATOM   299 C CG1 . VAL A 1 35 ? 3.374   0.585   3.680   1.00 12.52 ? 121 VAL A CG1 1 
ATOM   300 C CG2 . VAL A 1 35 ? 3.191   2.822   2.484   1.00 18.29 ? 121 VAL A CG2 1 
ATOM   301 N N   . HIS A 1 36 ? 6.383   0.547   5.072   1.00 5.96  ? 122 HIS A N   1 
ATOM   302 C CA  . HIS A 1 36 ? 7.251   -0.543  5.473   1.00 3.34  ? 122 HIS A CA  1 
ATOM   303 C C   . HIS A 1 36 ? 6.526   -1.782  5.970   1.00 10.49 ? 122 HIS A C   1 
ATOM   304 O O   . HIS A 1 36 ? 7.161   -2.799  6.164   1.00 7.66  ? 122 HIS A O   1 
ATOM   305 C CB  . HIS A 1 36 ? 8.218   -0.011  6.516   1.00 7.35  ? 122 HIS A CB  1 
ATOM   306 C CG  . HIS A 1 36 ? 9.346   0.822   5.892   1.00 4.73  ? 122 HIS A CG  1 
ATOM   307 N ND1 . HIS A 1 36 ? 10.620  0.526   5.805   1.00 7.24  ? 122 HIS A ND1 1 
ATOM   308 C CD2 . HIS A 1 36 ? 9.193   2.036   5.282   1.00 7.40  ? 122 HIS A CD2 1 
ATOM   309 C CE1 . HIS A 1 36 ? 11.250  1.480   5.176   1.00 7.88  ? 122 HIS A CE1 1 
ATOM   310 N NE2 . HIS A 1 36 ? 10.368  2.397   4.869   1.00 10.92 ? 122 HIS A NE2 1 
ATOM   311 N N   . SER A 1 37 ? 5.223   -1.746  6.209   1.00 6.16  ? 123 SER A N   1 
ATOM   312 C CA  . SER A 1 37 ? 4.430   -2.945  6.392   1.00 5.55  ? 123 SER A CA  1 
ATOM   313 C C   . SER A 1 37 ? 2.965   -2.515  6.192   1.00 6.60  ? 123 SER A C   1 
ATOM   314 O O   . SER A 1 37 ? 2.657   -1.310  6.255   1.00 7.38  ? 123 SER A O   1 
ATOM   315 C CB  . SER A 1 37 ? 4.660   -3.530  7.798   1.00 5.42  ? 123 SER A CB  1 
ATOM   316 O OG  . SER A 1 37 ? 4.470   -2.641  8.883   1.00 6.18  ? 123 SER A OG  1 
ATOM   317 N N   . LEU A 1 38 ? 2.028   -3.424  5.957   1.00 5.29  ? 124 LEU A N   1 
ATOM   318 C CA  . LEU A 1 38 ? 0.645   -3.064  5.771   1.00 4.22  ? 124 LEU A CA  1 
ATOM   319 C C   . LEU A 1 38 ? -0.209  -4.297  6.012   1.00 5.55  ? 124 LEU A C   1 
ATOM   320 O O   . LEU A 1 38 ? 0.205   -5.457  5.936   1.00 6.31  ? 124 LEU A O   1 
ATOM   321 C CB  . LEU A 1 38 ? 0.437   -2.499  4.321   1.00 7.10  ? 124 LEU A CB  1 
ATOM   322 C CG  . LEU A 1 38 ? 0.904   -3.352  3.127   1.00 12.00 ? 124 LEU A CG  1 
ATOM   323 C CD1 . LEU A 1 38 ? -0.257  -4.205  2.633   1.00 15.93 ? 124 LEU A CD1 1 
ATOM   324 C CD2 . LEU A 1 38 ? 1.346   -2.480  1.958   1.00 11.77 ? 124 LEU A CD2 1 
ATOM   325 N N   . ASN A 1 39 ? -1.451  -4.056  6.287   1.00 6.44  ? 125 ASN A N   1 
ATOM   326 C CA  . ASN A 1 39 ? -2.355  -5.129  6.520   1.00 7.15  ? 125 ASN A CA  1 
ATOM   327 C C   . ASN A 1 39 ? -3.509  -4.904  5.541   1.00 7.34  ? 125 ASN A C   1 
ATOM   328 O O   . ASN A 1 39 ? -4.112  -3.819  5.638   1.00 10.35 ? 125 ASN A O   1 
ATOM   329 C CB  . ASN A 1 39 ? -2.774  -5.036  7.966   1.00 3.35  ? 125 ASN A CB  1 
ATOM   330 C CG  . ASN A 1 39 ? -3.689  -6.171  8.359   1.00 10.34 ? 125 ASN A CG  1 
ATOM   331 O OD1 . ASN A 1 39 ? -4.050  -6.283  9.532   1.00 22.90 ? 125 ASN A OD1 1 
ATOM   332 N ND2 . ASN A 1 39 ? -4.062  -7.133  7.547   1.00 7.28  ? 125 ASN A ND2 1 
ATOM   333 N N   . VAL A 1 40 ? -3.821  -5.791  4.562   1.00 5.42  ? 126 VAL A N   1 
ATOM   334 C CA  . VAL A 1 40 ? -4.976  -5.570  3.700   1.00 6.22  ? 126 VAL A CA  1 
ATOM   335 C C   . VAL A 1 40 ? -6.144  -6.276  4.367   1.00 4.68  ? 126 VAL A C   1 
ATOM   336 O O   . VAL A 1 40 ? -6.145  -7.496  4.455   1.00 6.02  ? 126 VAL A O   1 
ATOM   337 C CB  . VAL A 1 40 ? -4.737  -6.131  2.264   1.00 7.65  ? 126 VAL A CB  1 
ATOM   338 C CG1 . VAL A 1 40 ? -5.956  -5.959  1.386   1.00 7.13  ? 126 VAL A CG1 1 
ATOM   339 C CG2 . VAL A 1 40 ? -3.632  -5.336  1.585   1.00 8.48  ? 126 VAL A CG2 1 
ATOM   340 N N   . LEU A 1 41 ? -7.119  -5.553  4.880   1.00 5.64  ? 127 LEU A N   1 
ATOM   341 C CA  . LEU A 1 41 ? -8.241  -6.168  5.596   1.00 3.75  ? 127 LEU A CA  1 
ATOM   342 C C   . LEU A 1 41 ? -9.396  -6.601  4.715   1.00 5.20  ? 127 LEU A C   1 
ATOM   343 O O   . LEU A 1 41 ? -10.057 -7.618  4.951   1.00 9.00  ? 127 LEU A O   1 
ATOM   344 C CB  . LEU A 1 41 ? -8.746  -5.196  6.648   1.00 9.58  ? 127 LEU A CB  1 
ATOM   345 C CG  . LEU A 1 41 ? -7.696  -4.922  7.708   1.00 10.03 ? 127 LEU A CG  1 
ATOM   346 C CD1 . LEU A 1 41 ? -7.855  -3.519  8.245   1.00 18.35 ? 127 LEU A CD1 1 
ATOM   347 C CD2 . LEU A 1 41 ? -7.818  -5.962  8.812   1.00 15.57 ? 127 LEU A CD2 1 
ATOM   348 N N   . GLU A 1 42 ? -9.682  -5.869  3.638   1.00 6.05  ? 128 GLU A N   1 
ATOM   349 C CA  . GLU A 1 42 ? -10.781 -6.193  2.730   1.00 6.14  ? 128 GLU A CA  1 
ATOM   350 C C   . GLU A 1 42 ? -10.399 -5.606  1.381   1.00 6.75  ? 128 GLU A C   1 
ATOM   351 O O   . GLU A 1 42 ? -9.904  -4.478  1.289   1.00 9.44  ? 128 GLU A O   1 
ATOM   352 C CB  . GLU A 1 42 ? -12.126 -5.525  3.070   1.00 11.01 ? 128 GLU A CB  1 
ATOM   353 C CG  . GLU A 1 42 ? -12.244 -4.876  4.456   1.00 25.41 ? 128 GLU A CG  1 
ATOM   354 C CD  . GLU A 1 42 ? -13.603 -4.308  4.866   1.00 19.10 ? 128 GLU A CD  1 
ATOM   355 O OE1 . GLU A 1 42 ? -14.625 -4.979  4.690   1.00 29.06 ? 128 GLU A OE1 1 
ATOM   356 O OE2 . GLU A 1 42 ? -13.646 -3.199  5.384   1.00 13.77 ? 128 GLU A OE2 1 
ATOM   357 N N   . GLY A 1 43 ? -10.711 -6.358  0.355   1.00 10.06 ? 129 GLY A N   1 
ATOM   358 C CA  . GLY A 1 43 ? -10.465 -5.973  -1.004  1.00 7.42  ? 129 GLY A CA  1 
ATOM   359 C C   . GLY A 1 43 ? -9.030  -6.247  -1.399  1.00 7.86  ? 129 GLY A C   1 
ATOM   360 O O   . GLY A 1 43 ? -8.177  -6.589  -0.573  1.00 11.17 ? 129 GLY A O   1 
ATOM   361 N N   . SER A 1 44 ? -8.805  -6.172  -2.697  1.00 6.58  ? 130 SER A N   1 
ATOM   362 C CA  . SER A 1 44 ? -7.459  -6.213  -3.266  1.00 6.09  ? 130 SER A CA  1 
ATOM   363 C C   . SER A 1 44 ? -7.092  -4.805  -3.727  1.00 10.32 ? 130 SER A C   1 
ATOM   364 O O   . SER A 1 44 ? -7.915  -3.954  -4.099  1.00 6.39  ? 130 SER A O   1 
ATOM   365 C CB  . SER A 1 44 ? -7.407  -7.204  -4.433  1.00 6.64  ? 130 SER A CB  1 
ATOM   366 O OG  . SER A 1 44 ? -7.602  -8.496  -3.874  1.00 10.03 ? 130 SER A OG  1 
ATOM   367 N N   . TRP A 1 45 ? -5.770  -4.592  -3.661  1.00 8.35  ? 131 TRP A N   1 
ATOM   368 C CA  . TRP A 1 45 ? -5.117  -3.306  -3.889  1.00 8.61  ? 131 TRP A CA  1 
ATOM   369 C C   . TRP A 1 45 ? -3.840  -3.453  -4.732  1.00 8.92  ? 131 TRP A C   1 
ATOM   370 O O   . TRP A 1 45 ? -3.201  -4.512  -4.767  1.00 9.81  ? 131 TRP A O   1 
ATOM   371 C CB  . TRP A 1 45 ? -4.762  -2.708  -2.535  1.00 10.40 ? 131 TRP A CB  1 
ATOM   372 C CG  . TRP A 1 45 ? -5.924  -2.305  -1.594  1.00 7.72  ? 131 TRP A CG  1 
ATOM   373 C CD1 . TRP A 1 45 ? -6.567  -3.194  -0.764  1.00 6.82  ? 131 TRP A CD1 1 
ATOM   374 C CD2 . TRP A 1 45 ? -6.396  -1.020  -1.428  1.00 6.81  ? 131 TRP A CD2 1 
ATOM   375 N NE1 . TRP A 1 45 ? -7.431  -2.501  -0.087  1.00 6.87  ? 131 TRP A NE1 1 
ATOM   376 C CE2 . TRP A 1 45 ? -7.366  -1.194  -0.442  1.00 7.25  ? 131 TRP A CE2 1 
ATOM   377 C CE3 . TRP A 1 45 ? -6.123  0.246   -1.961  1.00 8.17  ? 131 TRP A CE3 1 
ATOM   378 C CZ2 . TRP A 1 45 ? -8.083  -0.084  0.016   1.00 6.98  ? 131 TRP A CZ2 1 
ATOM   379 C CZ3 . TRP A 1 45 ? -6.839  1.338   -1.501  1.00 8.93  ? 131 TRP A CZ3 1 
ATOM   380 C CH2 . TRP A 1 45 ? -7.818  1.166   -0.512  1.00 7.44  ? 131 TRP A CH2 1 
ATOM   381 N N   . VAL A 1 46 ? -3.469  -2.429  -5.484  1.00 7.49  ? 132 VAL A N   1 
ATOM   382 C CA  . VAL A 1 46 ? -2.205  -2.408  -6.210  1.00 5.67  ? 132 VAL A CA  1 
ATOM   383 C C   . VAL A 1 46 ? -1.388  -1.281  -5.597  1.00 9.96  ? 132 VAL A C   1 
ATOM   384 O O   . VAL A 1 46 ? -1.935  -0.188  -5.381  1.00 9.85  ? 132 VAL A O   1 
ATOM   385 C CB  . VAL A 1 46 ? -2.380  -2.097  -7.736  1.00 9.84  ? 132 VAL A CB  1 
ATOM   386 C CG1 . VAL A 1 46 ? -1.044  -2.267  -8.461  1.00 8.54  ? 132 VAL A CG1 1 
ATOM   387 C CG2 . VAL A 1 46 ? -3.451  -3.009  -8.315  1.00 21.28 ? 132 VAL A CG2 1 
ATOM   388 N N   . LEU A 1 47 ? -0.127  -1.514  -5.244  1.00 5.70  ? 133 LEU A N   1 
ATOM   389 C CA  . LEU A 1 47 ? 0.799   -0.481  -4.798  1.00 6.02  ? 133 LEU A CA  1 
ATOM   390 C C   . LEU A 1 47 ? 1.621   -0.108  -6.013  1.00 3.85  ? 133 LEU A C   1 
ATOM   391 O O   . LEU A 1 47 ? 1.969   -1.009  -6.791  1.00 9.22  ? 133 LEU A O   1 
ATOM   392 C CB  . LEU A 1 47 ? 1.861   -0.925  -3.735  1.00 10.39 ? 133 LEU A CB  1 
ATOM   393 C CG  . LEU A 1 47 ? 1.419   -1.310  -2.354  1.00 22.68 ? 133 LEU A CG  1 
ATOM   394 C CD1 . LEU A 1 47 ? 2.531   -0.986  -1.357  1.00 22.87 ? 133 LEU A CD1 1 
ATOM   395 C CD2 . LEU A 1 47 ? 0.208   -0.511  -1.959  1.00 22.45 ? 133 LEU A CD2 1 
ATOM   396 N N   . TYR A 1 48 ? 1.959   1.173   -6.170  1.00 6.84  ? 134 TYR A N   1 
ATOM   397 C CA  . TYR A 1 48 ? 2.752   1.672   -7.290  1.00 6.70  ? 134 TYR A CA  1 
ATOM   398 C C   . TYR A 1 48 ? 3.923   2.438   -6.728  1.00 6.67  ? 134 TYR A C   1 
ATOM   399 O O   . TYR A 1 48 ? 3.804   3.157   -5.748  1.00 9.03  ? 134 TYR A O   1 
ATOM   400 C CB  . TYR A 1 48 ? 2.001   2.654   -8.173  1.00 8.02  ? 134 TYR A CB  1 
ATOM   401 C CG  . TYR A 1 48 ? 0.801   2.030   -8.850  1.00 7.81  ? 134 TYR A CG  1 
ATOM   402 C CD1 . TYR A 1 48 ? -0.444  2.031   -8.224  1.00 10.06 ? 134 TYR A CD1 1 
ATOM   403 C CD2 . TYR A 1 48 ? 0.945   1.479   -10.101 1.00 8.74  ? 134 TYR A CD2 1 
ATOM   404 C CE1 . TYR A 1 48 ? -1.553  1.484   -8.846  1.00 9.21  ? 134 TYR A CE1 1 
ATOM   405 C CE2 . TYR A 1 48 ? -0.159  0.932   -10.750 1.00 14.94 ? 134 TYR A CE2 1 
ATOM   406 C CZ  . TYR A 1 48 ? -1.400  0.941   -10.116 1.00 20.32 ? 134 TYR A CZ  1 
ATOM   407 O OH  . TYR A 1 48 ? -2.507  0.416   -10.783 1.00 25.25 ? 134 TYR A OH  1 
ATOM   408 N N   . GLU A 1 49 ? 5.058   2.265   -7.387  1.00 8.36  ? 135 GLU A N   1 
ATOM   409 C CA  . GLU A 1 49 ? 6.291   2.901   -7.004  1.00 11.85 ? 135 GLU A CA  1 
ATOM   410 C C   . GLU A 1 49 ? 6.207   4.443   -7.076  1.00 8.89  ? 135 GLU A C   1 
ATOM   411 O O   . GLU A 1 49 ? 6.810   5.189   -6.279  1.00 10.00 ? 135 GLU A O   1 
ATOM   412 C CB  . GLU A 1 49 ? 7.329   2.267   -7.940  1.00 11.75 ? 135 GLU A CB  1 
ATOM   413 C CG  . GLU A 1 49 ? 8.820   2.469   -7.675  1.00 21.68 ? 135 GLU A CG  1 
ATOM   414 C CD  . GLU A 1 49 ? 9.720   2.285   -8.917  1.00 26.51 ? 135 GLU A CD  1 
ATOM   415 O OE1 . GLU A 1 49 ? 9.312   1.821   -10.007 1.00 21.41 ? 135 GLU A OE1 1 
ATOM   416 O OE2 . GLU A 1 49 ? 10.863  2.701   -8.800  1.00 31.59 ? 135 GLU A OE2 1 
ATOM   417 N N   . MET A 1 50 ? 5.354   4.956   -7.962  1.00 10.16 ? 136 MET A N   1 
ATOM   418 C CA  . MET A 1 50 ? 5.352   6.362   -8.294  1.00 9.91  ? 136 MET A CA  1 
ATOM   419 C C   . MET A 1 50 ? 4.002   6.984   -8.103  1.00 11.08 ? 136 MET A C   1 
ATOM   420 O O   . MET A 1 50 ? 3.042   6.208   -8.031  1.00 12.64 ? 136 MET A O   1 
ATOM   421 C CB  . MET A 1 50 ? 5.733   6.520   -9.740  1.00 21.12 ? 136 MET A CB  1 
ATOM   422 C CG  . MET A 1 50 ? 6.964   5.689   -10.114 1.00 17.40 ? 136 MET A CG  1 
ATOM   423 S SD  . MET A 1 50 ? 8.368   6.711   -9.738  1.00 31.71 ? 136 MET A SD  1 
ATOM   424 C CE  . MET A 1 50 ? 8.257   6.688   -11.496 1.00 19.06 ? 136 MET A CE  1 
ATOM   425 N N   . PRO A 1 51 ? 3.831   8.321   -8.005  1.00 12.46 ? 137 PRO A N   1 
ATOM   426 C CA  . PRO A 1 51 ? 2.526   8.980   -8.029  1.00 13.68 ? 137 PRO A CA  1 
ATOM   427 C C   . PRO A 1 51 ? 1.717   8.674   -9.289  1.00 6.36  ? 137 PRO A C   1 
ATOM   428 O O   . PRO A 1 51 ? 2.271   8.295   -10.329 1.00 11.88 ? 137 PRO A O   1 
ATOM   429 C CB  . PRO A 1 51 ? 2.845   10.461  -7.900  1.00 16.79 ? 137 PRO A CB  1 
ATOM   430 C CG  . PRO A 1 51 ? 4.191   10.524  -7.245  1.00 16.06 ? 137 PRO A CG  1 
ATOM   431 C CD  . PRO A 1 51 ? 4.905   9.294   -7.773  1.00 11.84 ? 137 PRO A CD  1 
ATOM   432 N N   . SER A 1 52 ? 0.392   8.799   -9.175  1.00 10.85 ? 138 SER A N   1 
ATOM   433 C CA  . SER A 1 52 ? -0.580  8.653   -10.251 1.00 6.51  ? 138 SER A CA  1 
ATOM   434 C C   . SER A 1 52 ? -0.510  7.360   -10.988 1.00 7.13  ? 138 SER A C   1 
ATOM   435 O O   . SER A 1 52 ? -0.706  7.265   -12.176 1.00 9.64  ? 138 SER A O   1 
ATOM   436 C CB  . SER A 1 52 ? -0.429  9.822   -11.237 1.00 16.35 ? 138 SER A CB  1 
ATOM   437 O OG  . SER A 1 52 ? -0.799  11.071  -10.624 1.00 17.33 ? 138 SER A OG  1 
ATOM   438 N N   . TYR A 1 53 ? -0.248  6.293   -10.267 1.00 7.11  ? 139 TYR A N   1 
ATOM   439 C CA  . TYR A 1 53 ? -0.289  4.962   -10.765 1.00 7.74  ? 139 TYR A CA  1 
ATOM   440 C C   . TYR A 1 53 ? 0.690   4.705   -11.907 1.00 8.94  ? 139 TYR A C   1 
ATOM   441 O O   . TYR A 1 53 ? 0.435   4.041   -12.904 1.00 14.13 ? 139 TYR A O   1 
ATOM   442 C CB  . TYR A 1 53 ? -1.770  4.673   -11.130 1.00 8.95  ? 139 TYR A CB  1 
ATOM   443 C CG  . TYR A 1 53 ? -2.802  5.227   -10.116 1.00 10.31 ? 139 TYR A CG  1 
ATOM   444 C CD1 . TYR A 1 53 ? -2.728  4.932   -8.744  1.00 9.38  ? 139 TYR A CD1 1 
ATOM   445 C CD2 . TYR A 1 53 ? -3.825  6.070   -10.591 1.00 10.18 ? 139 TYR A CD2 1 
ATOM   446 C CE1 . TYR A 1 53 ? -3.647  5.466   -7.846  1.00 8.97  ? 139 TYR A CE1 1 
ATOM   447 C CE2 . TYR A 1 53 ? -4.764  6.617   -9.710  1.00 16.70 ? 139 TYR A CE2 1 
ATOM   448 C CZ  . TYR A 1 53 ? -4.648  6.300   -8.346  1.00 16.36 ? 139 TYR A CZ  1 
ATOM   449 O OH  . TYR A 1 53 ? -5.553  6.824   -7.472  1.00 14.15 ? 139 TYR A OH  1 
ATOM   450 N N   . ARG A 1 54 ? 1.890   5.200   -11.653 1.00 11.09 ? 140 ARG A N   1 
ATOM   451 C CA  . ARG A 1 54 ? 3.054   5.004   -12.521 1.00 14.86 ? 140 ARG A CA  1 
ATOM   452 C C   . ARG A 1 54 ? 4.144   4.130   -11.856 1.00 15.97 ? 140 ARG A C   1 
ATOM   453 O O   . ARG A 1 54 ? 4.197   3.934   -10.634 1.00 11.63 ? 140 ARG A O   1 
ATOM   454 C CB  . ARG A 1 54 ? 3.668   6.350   -12.859 1.00 9.08  ? 140 ARG A CB  1 
ATOM   455 C CG  . ARG A 1 54 ? 2.710   7.280   -13.531 1.00 16.24 ? 140 ARG A CG  1 
ATOM   456 C CD  . ARG A 1 54 ? 2.411   6.762   -14.928 1.00 17.42 ? 140 ARG A CD  1 
ATOM   457 N NE  . ARG A 1 54 ? 1.429   7.588   -15.650 1.00 14.00 ? 140 ARG A NE  1 
ATOM   458 C CZ  . ARG A 1 54 ? 0.999   7.245   -16.880 1.00 13.39 ? 140 ARG A CZ  1 
ATOM   459 N NH1 . ARG A 1 54 ? 1.456   6.132   -17.470 1.00 14.56 ? 140 ARG A NH1 1 
ATOM   460 N NH2 . ARG A 1 54 ? 0.152   8.031   -17.559 1.00 13.06 ? 140 ARG A NH2 1 
ATOM   461 N N   . GLY A 1 55 ? 5.101   3.612   -12.624 1.00 16.28 ? 141 GLY A N   1 
ATOM   462 C CA  . GLY A 1 55 ? 6.198   2.844   -12.081 1.00 15.21 ? 141 GLY A CA  1 
ATOM   463 C C   . GLY A 1 55 ? 5.841   1.390   -11.875 1.00 12.24 ? 141 GLY A C   1 
ATOM   464 O O   . GLY A 1 55 ? 4.864   0.860   -12.391 1.00 13.75 ? 141 GLY A O   1 
ATOM   465 N N   . ARG A 1 56 ? 6.692   0.709   -11.137 1.00 12.39 ? 142 ARG A N   1 
ATOM   466 C CA  . ARG A 1 56 ? 6.454   -0.721  -10.919 1.00 11.99 ? 142 ARG A CA  1 
ATOM   467 C C   . ARG A 1 56 ? 5.229   -0.896  -10.037 1.00 10.05 ? 142 ARG A C   1 
ATOM   468 O O   . ARG A 1 56 ? 5.014   -0.060  -9.151  1.00 10.36 ? 142 ARG A O   1 
ATOM   469 C CB  . ARG A 1 56 ? 7.648   -1.366  -10.234 1.00 12.48 ? 142 ARG A CB  1 
ATOM   470 C CG  . ARG A 1 56 ? 8.927   -1.263  -11.055 1.00 25.45 ? 142 ARG A CG  1 
ATOM   471 C CD  . ARG A 1 56 ? 10.123  -1.865  -10.280 1.00 34.29 ? 142 ARG A CD  1 
ATOM   472 N NE  . ARG A 1 56 ? 10.600  -1.104  -9.125  1.00 37.85 ? 142 ARG A NE  1 
ATOM   473 C CZ  . ARG A 1 56 ? 11.918  -1.121  -8.729  1.00 44.23 ? 142 ARG A CZ  1 
ATOM   474 N NH1 . ARG A 1 56 ? 12.855  -1.814  -9.403  1.00 37.12 ? 142 ARG A NH1 1 
ATOM   475 N NH2 . ARG A 1 56 ? 12.333  -0.541  -7.567  1.00 43.10 ? 142 ARG A NH2 1 
ATOM   476 N N   . GLN A 1 57 ? 4.463   -1.949  -10.251 1.00 9.73  ? 143 GLN A N   1 
ATOM   477 C CA  . GLN A 1 57 ? 3.326   -2.206  -9.417  1.00 11.28 ? 143 GLN A CA  1 
ATOM   478 C C   . GLN A 1 57 ? 3.358   -3.542  -8.688  1.00 12.46 ? 143 GLN A C   1 
ATOM   479 O O   . GLN A 1 57 ? 3.988   -4.501  -9.138  1.00 10.73 ? 143 GLN A O   1 
ATOM   480 C CB  . GLN A 1 57 ? 2.086   -2.125  -10.238 1.00 20.13 ? 143 GLN A CB  1 
ATOM   481 C CG  . GLN A 1 57 ? 2.136   -2.901  -11.512 1.00 18.37 ? 143 GLN A CG  1 
ATOM   482 C CD  . GLN A 1 57 ? 0.783   -2.685  -12.166 1.00 29.06 ? 143 GLN A CD  1 
ATOM   483 O OE1 . GLN A 1 57 ? -0.150  -3.490  -12.027 1.00 28.15 ? 143 GLN A OE1 1 
ATOM   484 N NE2 . GLN A 1 57 ? 0.596   -1.574  -12.863 1.00 38.22 ? 143 GLN A NE2 1 
ATOM   485 N N   . TYR A 1 58 ? 2.651   -3.627  -7.572  1.00 6.82  ? 144 TYR A N   1 
ATOM   486 C CA  . TYR A 1 58 ? 2.707   -4.818  -6.737  1.00 8.50  ? 144 TYR A CA  1 
ATOM   487 C C   . TYR A 1 58 ? 1.260   -5.120  -6.345  1.00 8.17  ? 144 TYR A C   1 
ATOM   488 O O   . TYR A 1 58 ? 0.539   -4.255  -5.849  1.00 11.26 ? 144 TYR A O   1 
ATOM   489 C CB  . TYR A 1 58 ? 3.581   -4.540  -5.478  1.00 7.17  ? 144 TYR A CB  1 
ATOM   490 C CG  . TYR A 1 58 ? 4.937   -3.830  -5.722  1.00 6.53  ? 144 TYR A CG  1 
ATOM   491 C CD1 . TYR A 1 58 ? 6.046   -4.515  -6.212  1.00 10.80 ? 144 TYR A CD1 1 
ATOM   492 C CD2 . TYR A 1 58 ? 5.053   -2.456  -5.462  1.00 14.94 ? 144 TYR A CD2 1 
ATOM   493 C CE1 . TYR A 1 58 ? 7.269   -3.845  -6.457  1.00 17.15 ? 144 TYR A CE1 1 
ATOM   494 C CE2 . TYR A 1 58 ? 6.257   -1.776  -5.688  1.00 22.33 ? 144 TYR A CE2 1 
ATOM   495 C CZ  . TYR A 1 58 ? 7.364   -2.476  -6.194  1.00 19.93 ? 144 TYR A CZ  1 
ATOM   496 O OH  . TYR A 1 58 ? 8.555   -1.776  -6.426  1.00 23.41 ? 144 TYR A OH  1 
ATOM   497 N N   . LEU A 1 59 ? 0.769   -6.305  -6.599  1.00 5.60  ? 145 LEU A N   1 
ATOM   498 C CA  . LEU A 1 59 ? -0.609  -6.671  -6.303  1.00 6.93  ? 145 LEU A CA  1 
ATOM   499 C C   . LEU A 1 59 ? -0.702  -7.206  -4.862  1.00 9.24  ? 145 LEU A C   1 
ATOM   500 O O   . LEU A 1 59 ? 0.128   -8.040  -4.470  1.00 11.15 ? 145 LEU A O   1 
ATOM   501 C CB  . LEU A 1 59 ? -1.090  -7.741  -7.285  1.00 8.71  ? 145 LEU A CB  1 
ATOM   502 C CG  . LEU A 1 59 ? -2.462  -8.383  -7.065  1.00 12.57 ? 145 LEU A CG  1 
ATOM   503 C CD1 . LEU A 1 59 ? -3.560  -7.358  -7.226  1.00 11.56 ? 145 LEU A CD1 1 
ATOM   504 C CD2 . LEU A 1 59 ? -2.601  -9.574  -8.065  1.00 15.55 ? 145 LEU A CD2 1 
ATOM   505 N N   . LEU A 1 60 ? -1.724  -6.752  -4.116  1.00 6.79  ? 146 LEU A N   1 
ATOM   506 C CA  . LEU A 1 60 ? -1.923  -7.128  -2.725  1.00 2.50  ? 146 LEU A CA  1 
ATOM   507 C C   . LEU A 1 60 ? -3.334  -7.640  -2.541  1.00 7.69  ? 146 LEU A C   1 
ATOM   508 O O   . LEU A 1 60 ? -4.320  -6.967  -2.858  1.00 11.92 ? 146 LEU A O   1 
ATOM   509 C CB  . LEU A 1 60 ? -1.751  -5.956  -1.808  1.00 4.83  ? 146 LEU A CB  1 
ATOM   510 C CG  . LEU A 1 60 ? -0.537  -5.048  -1.940  1.00 6.62  ? 146 LEU A CG  1 
ATOM   511 C CD1 . LEU A 1 60 ? -0.828  -3.765  -1.210  1.00 15.56 ? 146 LEU A CD1 1 
ATOM   512 C CD2 . LEU A 1 60 ? 0.696   -5.716  -1.351  1.00 11.45 ? 146 LEU A CD2 1 
ATOM   513 N N   . ARG A 1 61 ? -3.364  -8.912  -2.127  1.00 7.42  ? 147 ARG A N   1 
ATOM   514 C CA  . ARG A 1 61 ? -4.587  -9.637  -1.773  1.00 5.16  ? 147 ARG A CA  1 
ATOM   515 C C   . ARG A 1 61 ? -4.731  -9.503  -0.263  1.00 6.34  ? 147 ARG A C   1 
ATOM   516 O O   . ARG A 1 61 ? -3.739  -9.237  0.426   1.00 7.86  ? 147 ARG A O   1 
ATOM   517 C CB  . ARG A 1 61 ? -4.498  -11.125 -2.120  1.00 5.58  ? 147 ARG A CB  1 
ATOM   518 C CG  . ARG A 1 61 ? -4.412  -11.425 -3.609  1.00 8.27  ? 147 ARG A CG  1 
ATOM   519 C CD  . ARG A 1 61 ? -5.583  -10.868 -4.435  1.00 7.32  ? 147 ARG A CD  1 
ATOM   520 N NE  . ARG A 1 61 ? -5.426  -11.191 -5.868  1.00 7.84  ? 147 ARG A NE  1 
ATOM   521 C CZ  . ARG A 1 61 ? -6.268  -10.721 -6.826  1.00 8.10  ? 147 ARG A CZ  1 
ATOM   522 N NH1 . ARG A 1 61 ? -7.312  -9.927  -6.525  1.00 8.66  ? 147 ARG A NH1 1 
ATOM   523 N NH2 . ARG A 1 61 ? -6.041  -11.032 -8.107  1.00 9.19  ? 147 ARG A NH2 1 
ATOM   524 N N   . PRO A 1 62 ? -5.935  -9.679  0.296   1.00 8.83  ? 148 PRO A N   1 
ATOM   525 C CA  . PRO A 1 62 ? -6.120  -9.634  1.745   1.00 9.60  ? 148 PRO A CA  1 
ATOM   526 C C   . PRO A 1 62 ? -5.061  -10.433 2.556   1.00 6.72  ? 148 PRO A C   1 
ATOM   527 O O   . PRO A 1 62 ? -4.656  -11.549 2.185   1.00 9.79  ? 148 PRO A O   1 
ATOM   528 C CB  . PRO A 1 62 ? -7.572  -10.123 1.924   1.00 9.03  ? 148 PRO A CB  1 
ATOM   529 C CG  . PRO A 1 62 ? -8.269  -9.674  0.618   1.00 6.72  ? 148 PRO A CG  1 
ATOM   530 C CD  . PRO A 1 62 ? -7.187  -9.850  -0.469  1.00 6.61  ? 148 PRO A CD  1 
ATOM   531 N N   . GLY A 1 63 ? -4.536  -9.888  3.632   1.00 6.25  ? 149 GLY A N   1 
ATOM   532 C CA  . GLY A 1 63 ? -3.560  -10.560 4.488   1.00 7.26  ? 149 GLY A CA  1 
ATOM   533 C C   . GLY A 1 63 ? -2.579  -9.557  5.094   1.00 8.29  ? 149 GLY A C   1 
ATOM   534 O O   . GLY A 1 63 ? -2.745  -8.335  4.973   1.00 8.85  ? 149 GLY A O   1 
ATOM   535 N N   . GLU A 1 64 ? -1.545  -10.088 5.722   1.00 6.92  ? 150 GLU A N   1 
ATOM   536 C CA  . GLU A 1 64 ? -0.557  -9.340  6.486   1.00 7.95  ? 150 GLU A CA  1 
ATOM   537 C C   . GLU A 1 64 ? 0.781   -9.337  5.757   1.00 8.96  ? 150 GLU A C   1 
ATOM   538 O O   . GLU A 1 64 ? 1.210   -10.375 5.281   1.00 10.70 ? 150 GLU A O   1 
ATOM   539 C CB  . GLU A 1 64 ? -0.389  -9.985  7.870   1.00 7.62  ? 150 GLU A CB  1 
ATOM   540 C CG  . GLU A 1 64 ? -1.556  -9.743  8.854   1.00 16.16 ? 150 GLU A CG  1 
ATOM   541 C CD  . GLU A 1 64 ? -1.337  -10.270 10.289  1.00 15.83 ? 150 GLU A CD  1 
ATOM   542 O OE1 . GLU A 1 64 ? -0.476  -11.097 10.576  1.00 27.73 ? 150 GLU A OE1 1 
ATOM   543 O OE2 . GLU A 1 64 ? -2.028  -9.829  11.188  1.00 30.89 ? 150 GLU A OE2 1 
ATOM   544 N N   . TYR A 1 65 ? 1.418   -8.188  5.621   1.00 4.42  ? 151 TYR A N   1 
ATOM   545 C CA  . TYR A 1 65 ? 2.671   -8.006  4.887   1.00 6.21  ? 151 TYR A CA  1 
ATOM   546 C C   . TYR A 1 65 ? 3.588   -7.243  5.843   1.00 4.92  ? 151 TYR A C   1 
ATOM   547 O O   . TYR A 1 65 ? 3.491   -6.040  6.013   1.00 6.93  ? 151 TYR A O   1 
ATOM   548 C CB  . TYR A 1 65 ? 2.423   -7.179  3.602   1.00 7.57  ? 151 TYR A CB  1 
ATOM   549 C CG  . TYR A 1 65 ? 1.502   -7.823  2.566   1.00 3.89  ? 151 TYR A CG  1 
ATOM   550 C CD1 . TYR A 1 65 ? 0.119   -7.787  2.712   1.00 6.54  ? 151 TYR A CD1 1 
ATOM   551 C CD2 . TYR A 1 65 ? 2.079   -8.468  1.485   1.00 6.12  ? 151 TYR A CD2 1 
ATOM   552 C CE1 . TYR A 1 65 ? -0.725  -8.395  1.810   1.00 6.56  ? 151 TYR A CE1 1 
ATOM   553 C CE2 . TYR A 1 65 ? 1.243   -9.074  0.555   1.00 9.94  ? 151 TYR A CE2 1 
ATOM   554 C CZ  . TYR A 1 65 ? -0.149  -9.043  0.719   1.00 11.62 ? 151 TYR A CZ  1 
ATOM   555 O OH  . TYR A 1 65 ? -0.967  -9.668  -0.219  1.00 9.88  ? 151 TYR A OH  1 
ATOM   556 N N   . ARG A 1 66 ? 4.436   -7.977  6.546   1.00 7.59  ? 152 ARG A N   1 
ATOM   557 C CA  . ARG A 1 66 ? 5.329   -7.411  7.548   1.00 12.80 ? 152 ARG A CA  1 
ATOM   558 C C   . ARG A 1 66 ? 6.575   -6.703  7.061   1.00 6.59  ? 152 ARG A C   1 
ATOM   559 O O   . ARG A 1 66 ? 7.131   -5.931  7.843   1.00 8.29  ? 152 ARG A O   1 
ATOM   560 C CB  . ARG A 1 66 ? 5.774   -8.492  8.478   1.00 14.22 ? 152 ARG A CB  1 
ATOM   561 C CG  . ARG A 1 66 ? 4.589   -8.990  9.263   1.00 14.87 ? 152 ARG A CG  1 
ATOM   562 C CD  . ARG A 1 66 ? 5.004   -10.354 9.875   1.00 36.46 ? 152 ARG A CD  1 
ATOM   563 N NE  . ARG A 1 66 ? 5.896   -10.176 11.027  1.00 44.26 ? 152 ARG A NE  1 
ATOM   564 C CZ  . ARG A 1 66 ? 6.724   -11.151 11.524  1.00 38.73 ? 152 ARG A CZ  1 
ATOM   565 N NH1 . ARG A 1 66 ? 6.815   -12.398 11.032  1.00 28.82 ? 152 ARG A NH1 1 
ATOM   566 N NH2 . ARG A 1 66 ? 7.535   -10.822 12.503  1.00 23.82 ? 152 ARG A NH2 1 
ATOM   567 N N   . ARG A 1 67 ? 7.060   -6.976  5.850   1.00 6.11  ? 153 ARG A N   1 
ATOM   568 C CA  . ARG A 1 67 ? 8.199   -6.282  5.241   1.00 5.12  ? 153 ARG A CA  1 
ATOM   569 C C   . ARG A 1 67 ? 7.877   -6.007  3.775   1.00 5.43  ? 153 ARG A C   1 
ATOM   570 O O   . ARG A 1 67 ? 7.064   -6.724  3.180   1.00 6.59  ? 153 ARG A O   1 
ATOM   571 C CB  . ARG A 1 67 ? 9.472   -7.133  5.238   1.00 8.60  ? 153 ARG A CB  1 
ATOM   572 C CG  . ARG A 1 67 ? 9.752   -7.739  6.570   1.00 19.94 ? 153 ARG A CG  1 
ATOM   573 C CD  . ARG A 1 67 ? 11.187  -8.081  6.733   1.00 20.30 ? 153 ARG A CD  1 
ATOM   574 N NE  . ARG A 1 67 ? 11.491  -7.657  8.101   1.00 40.22 ? 153 ARG A NE  1 
ATOM   575 C CZ  . ARG A 1 67 ? 12.317  -8.381  8.894   1.00 46.65 ? 153 ARG A CZ  1 
ATOM   576 N NH1 . ARG A 1 67 ? 12.889  -9.510  8.408   1.00 23.36 ? 153 ARG A NH1 1 
ATOM   577 N NH2 . ARG A 1 67 ? 12.504  -7.987  10.187  1.00 28.99 ? 153 ARG A NH2 1 
ATOM   578 N N   . TYR A 1 68 ? 8.542   -5.057  3.119   1.00 6.85  ? 154 TYR A N   1 
ATOM   579 C CA  . TYR A 1 68 ? 8.347   -4.881  1.669   1.00 8.29  ? 154 TYR A CA  1 
ATOM   580 C C   . TYR A 1 68 ? 8.686   -6.092  0.758   1.00 8.12  ? 154 TYR A C   1 
ATOM   581 O O   . TYR A 1 68 ? 8.202   -6.289  -0.354  1.00 7.20  ? 154 TYR A O   1 
ATOM   582 C CB  . TYR A 1 68 ? 9.134   -3.625  1.212   1.00 11.94 ? 154 TYR A CB  1 
ATOM   583 C CG  . TYR A 1 68 ? 10.635  -3.639  1.317   1.00 10.78 ? 154 TYR A CG  1 
ATOM   584 C CD1 . TYR A 1 68 ? 11.430  -4.442  0.486   1.00 21.19 ? 154 TYR A CD1 1 
ATOM   585 C CD2 . TYR A 1 68 ? 11.229  -2.806  2.281   1.00 22.55 ? 154 TYR A CD2 1 
ATOM   586 C CE1 . TYR A 1 68 ? 12.821  -4.412  0.622   1.00 12.14 ? 154 TYR A CE1 1 
ATOM   587 C CE2 . TYR A 1 68 ? 12.630  -2.771  2.411   1.00 12.60 ? 154 TYR A CE2 1 
ATOM   588 C CZ  . TYR A 1 68 ? 13.396  -3.575  1.573   1.00 13.91 ? 154 TYR A CZ  1 
ATOM   589 O OH  . TYR A 1 68 ? 14.772  -3.478  1.679   1.00 22.03 ? 154 TYR A OH  1 
ATOM   590 N N   . LEU A 1 69 ? 9.527   -7.020  1.235   1.00 11.34 ? 155 LEU A N   1 
ATOM   591 C CA  . LEU A 1 69 ? 9.847   -8.240  0.495   1.00 17.62 ? 155 LEU A CA  1 
ATOM   592 C C   . LEU A 1 69 ? 8.574   -9.095  0.291   1.00 12.63 ? 155 LEU A C   1 
ATOM   593 O O   . LEU A 1 69 ? 8.378   -9.737  -0.751  1.00 13.68 ? 155 LEU A O   1 
ATOM   594 C CB  . LEU A 1 69 ? 10.908  -9.043  1.288   1.00 10.10 ? 155 LEU A CB  1 
ATOM   595 C CG  . LEU A 1 69 ? 12.259  -8.368  1.512   1.00 11.07 ? 155 LEU A CG  1 
ATOM   596 C CD1 . LEU A 1 69 ? 13.060  -9.248  2.462   1.00 21.00 ? 155 LEU A CD1 1 
ATOM   597 C CD2 . LEU A 1 69 ? 12.983  -8.142  0.200   1.00 16.38 ? 155 LEU A CD2 1 
ATOM   598 N N   . ASP A 1 70 ? 7.670   -9.016  1.278   1.00 7.23  ? 156 ASP A N   1 
ATOM   599 C CA  . ASP A 1 70 ? 6.436   -9.776  1.236   1.00 7.81  ? 156 ASP A CA  1 
ATOM   600 C C   . ASP A 1 70 ? 5.495   -9.459  0.082   1.00 4.78  ? 156 ASP A C   1 
ATOM   601 O O   . ASP A 1 70 ? 4.654   -10.284 -0.262  1.00 10.86 ? 156 ASP A O   1 
ATOM   602 C CB  . ASP A 1 70 ? 5.716   -9.588  2.563   1.00 6.98  ? 156 ASP A CB  1 
ATOM   603 C CG  . ASP A 1 70 ? 6.457   -10.267 3.720   1.00 17.17 ? 156 ASP A CG  1 
ATOM   604 O OD1 . ASP A 1 70 ? 7.204   -11.239 3.490   1.00 17.96 ? 156 ASP A OD1 1 
ATOM   605 O OD2 . ASP A 1 70 ? 6.301   -9.823  4.864   1.00 14.77 ? 156 ASP A OD2 1 
ATOM   606 N N   . TRP A 1 71 ? 5.561   -8.256  -0.465  1.00 9.25  ? 157 TRP A N   1 
ATOM   607 C CA  . TRP A 1 71 ? 4.746   -7.939  -1.623  1.00 11.59 ? 157 TRP A CA  1 
ATOM   608 C C   . TRP A 1 71 ? 5.646   -7.877  -2.827  1.00 17.23 ? 157 TRP A C   1 
ATOM   609 O O   . TRP A 1 71 ? 5.190   -7.330  -3.819  1.00 11.65 ? 157 TRP A O   1 
ATOM   610 C CB  . TRP A 1 71 ? 4.019   -6.611  -1.525  1.00 6.59  ? 157 TRP A CB  1 
ATOM   611 C CG  . TRP A 1 71 ? 4.765   -5.337  -1.131  1.00 7.73  ? 157 TRP A CG  1 
ATOM   612 C CD1 . TRP A 1 71 ? 5.352   -4.529  -2.061  1.00 5.19  ? 157 TRP A CD1 1 
ATOM   613 C CD2 . TRP A 1 71 ? 4.809   -4.816  0.141   1.00 6.74  ? 157 TRP A CD2 1 
ATOM   614 N NE1 . TRP A 1 71 ? 5.747   -3.479  -1.405  1.00 7.78  ? 157 TRP A NE1 1 
ATOM   615 C CE2 . TRP A 1 71 ? 5.452   -3.597  -0.086  1.00 6.25  ? 157 TRP A CE2 1 
ATOM   616 C CE3 . TRP A 1 71 ? 4.391   -5.196  1.426   1.00 8.76  ? 157 TRP A CE3 1 
ATOM   617 C CZ2 . TRP A 1 71 ? 5.677   -2.725  0.998   1.00 12.14 ? 157 TRP A CZ2 1 
ATOM   618 C CZ3 . TRP A 1 71 ? 4.622   -4.329  2.491   1.00 6.54  ? 157 TRP A CZ3 1 
ATOM   619 C CH2 . TRP A 1 71 ? 5.258   -3.111  2.284   1.00 8.35  ? 157 TRP A CH2 1 
ATOM   620 N N   . GLY A 1 72 ? 6.913   -8.371  -2.716  1.00 10.88 ? 158 GLY A N   1 
ATOM   621 C CA  . GLY A 1 72 ? 7.823   -8.561  -3.835  1.00 7.54  ? 158 GLY A CA  1 
ATOM   622 C C   . GLY A 1 72 ? 8.621   -7.338  -4.256  1.00 13.54 ? 158 GLY A C   1 
ATOM   623 O O   . GLY A 1 72 ? 9.288   -7.346  -5.307  1.00 17.10 ? 158 GLY A O   1 
ATOM   624 N N   . ALA A 1 73 ? 8.634   -6.293  -3.452  1.00 12.19 ? 159 ALA A N   1 
ATOM   625 C CA  . ALA A 1 73 ? 9.345   -5.098  -3.834  1.00 11.74 ? 159 ALA A CA  1 
ATOM   626 C C   . ALA A 1 73 ? 10.799  -5.248  -3.420  1.00 16.31 ? 159 ALA A C   1 
ATOM   627 O O   . ALA A 1 73 ? 11.138  -6.170  -2.671  1.00 14.57 ? 159 ALA A O   1 
ATOM   628 C CB  . ALA A 1 73 ? 8.780   -3.868  -3.145  1.00 8.33  ? 159 ALA A CB  1 
ATOM   629 N N   . MET A 1 74 ? 11.600  -4.341  -3.960  1.00 12.74 ? 160 MET A N   1 
ATOM   630 C CA  . MET A 1 74 ? 13.024  -4.223  -3.720  1.00 25.55 ? 160 MET A CA  1 
ATOM   631 C C   . MET A 1 74 ? 13.351  -3.261  -2.572  1.00 19.33 ? 160 MET A C   1 
ATOM   632 O O   . MET A 1 74 ? 14.429  -3.325  -1.938  1.00 18.11 ? 160 MET A O   1 
ATOM   633 C CB  . MET A 1 74 ? 13.765  -3.720  -5.020  1.00 18.69 ? 160 MET A CB  1 
ATOM   634 C CG  . MET A 1 74 ? 14.035  -4.824  -6.043  1.00 41.30 ? 160 MET A CG  1 
ATOM   635 S SD  . MET A 1 74 ? 15.041  -6.244  -5.413  1.00 50.88 ? 160 MET A SD  1 
ATOM   636 C CE  . MET A 1 74 ? 13.788  -7.455  -5.052  1.00 38.31 ? 160 MET A CE  1 
ATOM   637 N N   . ASN A 1 75 ? 12.408  -2.346  -2.343  1.00 11.00 ? 161 ASN A N   1 
ATOM   638 C CA  . ASN A 1 75 ? 12.531  -1.274  -1.367  1.00 7.83  ? 161 ASN A CA  1 
ATOM   639 C C   . ASN A 1 75 ? 11.138  -0.865  -0.906  1.00 8.00  ? 161 ASN A C   1 
ATOM   640 O O   . ASN A 1 75 ? 10.152  -1.380  -1.429  1.00 12.40 ? 161 ASN A O   1 
ATOM   641 C CB  . ASN A 1 75 ? 13.206  -0.061  -1.965  1.00 10.91 ? 161 ASN A CB  1 
ATOM   642 C CG  . ASN A 1 75 ? 12.623  0.307   -3.322  1.00 16.95 ? 161 ASN A CG  1 
ATOM   643 O OD1 . ASN A 1 75 ? 13.341  0.309   -4.315  1.00 24.94 ? 161 ASN A OD1 1 
ATOM   644 N ND2 . ASN A 1 75 ? 11.347  0.534   -3.535  1.00 15.60 ? 161 ASN A ND2 1 
ATOM   645 N N   . ALA A 1 76 ? 10.993  0.042   0.044   1.00 7.83  ? 162 ALA A N   1 
ATOM   646 C CA  . ALA A 1 76 ? 9.703   0.393   0.596   1.00 12.08 ? 162 ALA A CA  1 
ATOM   647 C C   . ALA A 1 76 ? 9.144   1.663   -0.061  1.00 11.59 ? 162 ALA A C   1 
ATOM   648 O O   . ALA A 1 76 ? 8.242   2.273   0.490   1.00 9.44  ? 162 ALA A O   1 
ATOM   649 C CB  . ALA A 1 76 ? 9.902   0.594   2.086   1.00 12.49 ? 162 ALA A CB  1 
ATOM   650 N N   . LYS A 1 77 ? 9.631   2.113   -1.225  1.00 8.94  ? 163 LYS A N   1 
ATOM   651 C CA  . LYS A 1 77 ? 9.125   3.324   -1.868  1.00 11.43 ? 163 LYS A CA  1 
ATOM   652 C C   . LYS A 1 77 ? 7.758   3.104   -2.517  1.00 10.26 ? 163 LYS A C   1 
ATOM   653 O O   . LYS A 1 77 ? 7.630   2.203   -3.344  1.00 11.19 ? 163 LYS A O   1 
ATOM   654 C CB  . LYS A 1 77 ? 10.212  3.734   -2.867  1.00 15.53 ? 163 LYS A CB  1 
ATOM   655 C CG  . LYS A 1 77 ? 9.898   4.780   -3.917  1.00 30.91 ? 163 LYS A CG  1 
ATOM   656 C CD  . LYS A 1 77 ? 11.057  4.727   -4.957  1.00 34.93 ? 163 LYS A CD  1 
ATOM   657 C CE  . LYS A 1 77 ? 10.881  5.793   -6.094  1.00 49.97 ? 163 LYS A CE  1 
ATOM   658 N NZ  . LYS A 1 77 ? 11.792  5.557   -7.230  1.00 40.54 ? 163 LYS A NZ  1 
ATOM   659 N N   . VAL A 1 78 ? 6.728   3.881   -2.147  1.00 8.82  ? 164 VAL A N   1 
ATOM   660 C CA  . VAL A 1 78 ? 5.380   3.747   -2.676  1.00 10.12 ? 164 VAL A CA  1 
ATOM   661 C C   . VAL A 1 78 ? 4.902   5.156   -3.014  1.00 18.44 ? 164 VAL A C   1 
ATOM   662 O O   . VAL A 1 78 ? 5.036   6.045   -2.190  1.00 14.66 ? 164 VAL A O   1 
ATOM   663 C CB  . VAL A 1 78 ? 4.448   3.100   -1.614  1.00 13.07 ? 164 VAL A CB  1 
ATOM   664 C CG1 . VAL A 1 78 ? 2.967   3.143   -1.979  1.00 20.04 ? 164 VAL A CG1 1 
ATOM   665 C CG2 . VAL A 1 78 ? 4.784   1.614   -1.593  1.00 17.15 ? 164 VAL A CG2 1 
ATOM   666 N N   . GLY A 1 79 ? 4.393   5.440   -4.204  1.00 7.89  ? 165 GLY A N   1 
ATOM   667 C CA  . GLY A 1 79 ? 3.904   6.761   -4.483  1.00 11.26 ? 165 GLY A CA  1 
ATOM   668 C C   . GLY A 1 79 ? 2.391   6.846   -4.575  1.00 8.72  ? 165 GLY A C   1 
ATOM   669 O O   . GLY A 1 79 ? 1.826   7.951   -4.436  1.00 9.38  ? 165 GLY A O   1 
ATOM   670 N N   . SER A 1 80 ? 1.712   5.732   -4.807  1.00 8.57  ? 166 SER A N   1 
ATOM   671 C CA  . SER A 1 80 ? 0.272   5.730   -4.964  1.00 7.73  ? 166 SER A CA  1 
ATOM   672 C C   . SER A 1 80 ? -0.240  4.296   -4.814  1.00 5.52  ? 166 SER A C   1 
ATOM   673 O O   . SER A 1 80 ? 0.541   3.330   -4.789  1.00 7.80  ? 166 SER A O   1 
ATOM   674 C CB  . SER A 1 80 ? -0.131  6.310   -6.367  1.00 6.16  ? 166 SER A CB  1 
ATOM   675 O OG  . SER A 1 80 ? 0.497   5.679   -7.476  1.00 7.72  ? 166 SER A OG  1 
ATOM   676 N N   . LEU A 1 81 ? -1.565  4.211   -4.656  1.00 7.29  ? 167 LEU A N   1 
ATOM   677 C CA  . LEU A 1 81 ? -2.218  2.945   -4.536  1.00 8.83  ? 167 LEU A CA  1 
ATOM   678 C C   . LEU A 1 81 ? -3.691  3.065   -4.893  1.00 5.35  ? 167 LEU A C   1 
ATOM   679 O O   . LEU A 1 81 ? -4.298  4.145   -4.889  1.00 9.08  ? 167 LEU A O   1 
ATOM   680 C CB  . LEU A 1 81 ? -1.992  2.397   -3.115  1.00 10.86 ? 167 LEU A CB  1 
ATOM   681 C CG  . LEU A 1 81 ? -2.160  3.220   -1.880  1.00 16.07 ? 167 LEU A CG  1 
ATOM   682 C CD1 . LEU A 1 81 ? -3.623  3.193   -1.600  1.00 29.68 ? 167 LEU A CD1 1 
ATOM   683 C CD2 . LEU A 1 81 ? -1.471  2.655   -0.644  1.00 17.23 ? 167 LEU A CD2 1 
ATOM   684 N N   . ARG A 1 82 ? -4.233  1.932   -5.294  1.00 6.73  ? 168 ARG A N   1 
ATOM   685 C CA  . ARG A 1 82 ? -5.615  1.891   -5.657  1.00 9.96  ? 168 ARG A CA  1 
ATOM   686 C C   . ARG A 1 82 ? -6.200  0.505   -5.619  1.00 10.53 ? 168 ARG A C   1 
ATOM   687 O O   . ARG A 1 82 ? -5.527  -0.525  -5.627  1.00 10.47 ? 168 ARG A O   1 
ATOM   688 C CB  . ARG A 1 82 ? -5.805  2.478   -7.030  1.00 16.76 ? 168 ARG A CB  1 
ATOM   689 C CG  . ARG A 1 82 ? -5.263  1.758   -8.219  1.00 16.55 ? 168 ARG A CG  1 
ATOM   690 C CD  . ARG A 1 82 ? -5.995  2.424   -9.376  1.00 17.78 ? 168 ARG A CD  1 
ATOM   691 N NE  . ARG A 1 82 ? -5.427  1.994   -10.621 1.00 20.27 ? 168 ARG A NE  1 
ATOM   692 C CZ  . ARG A 1 82 ? -5.732  2.689   -11.760 1.00 49.76 ? 168 ARG A CZ  1 
ATOM   693 N NH1 . ARG A 1 82 ? -6.567  3.777   -11.790 1.00 33.27 ? 168 ARG A NH1 1 
ATOM   694 N NH2 . ARG A 1 82 ? -5.090  2.342   -12.887 1.00 35.67 ? 168 ARG A NH2 1 
ATOM   695 N N   . ARG A 1 83 ? -7.508  0.541   -5.627  1.00 7.78  ? 169 ARG A N   1 
ATOM   696 C CA  . ARG A 1 83 ? -8.334  -0.621  -5.496  1.00 7.86  ? 169 ARG A CA  1 
ATOM   697 C C   . ARG A 1 83 ? -8.383  -1.414  -6.798  1.00 7.80  ? 169 ARG A C   1 
ATOM   698 O O   . ARG A 1 83 ? -8.465  -0.861  -7.915  1.00 10.65 ? 169 ARG A O   1 
ATOM   699 C CB  . ARG A 1 83 ? -9.725  -0.157  -5.101  1.00 4.15  ? 169 ARG A CB  1 
ATOM   700 C CG  . ARG A 1 83 ? -9.818  0.566   -3.762  1.00 6.91  ? 169 ARG A CG  1 
ATOM   701 C CD  . ARG A 1 83 ? -11.190 1.200   -3.522  1.00 9.22  ? 169 ARG A CD  1 
ATOM   702 N NE  . ARG A 1 83 ? -11.384 2.208   -4.560  1.00 8.23  ? 169 ARG A NE  1 
ATOM   703 C CZ  . ARG A 1 83 ? -12.560 2.460   -5.164  1.00 13.76 ? 169 ARG A CZ  1 
ATOM   704 N NH1 . ARG A 1 83 ? -13.687 1.817   -4.831  1.00 15.95 ? 169 ARG A NH1 1 
ATOM   705 N NH2 . ARG A 1 83 ? -12.551 3.242   -6.266  1.00 10.83 ? 169 ARG A NH2 1 
ATOM   706 N N   . VAL A 1 84 ? -8.319  -2.723  -6.634  1.00 5.59  ? 170 VAL A N   1 
ATOM   707 C CA  . VAL A 1 84 ? -8.417  -3.615  -7.741  1.00 5.37  ? 170 VAL A CA  1 
ATOM   708 C C   . VAL A 1 84 ? -9.896  -3.769  -8.073  1.00 9.65  ? 170 VAL A C   1 
ATOM   709 O O   . VAL A 1 84 ? -10.766 -4.036  -7.237  1.00 9.95  ? 170 VAL A O   1 
ATOM   710 C CB  . VAL A 1 84 ? -7.757  -4.935  -7.342  1.00 16.19 ? 170 VAL A CB  1 
ATOM   711 C CG1 . VAL A 1 84 ? -8.117  -6.100  -8.252  1.00 12.62 ? 170 VAL A CG1 1 
ATOM   712 C CG2 . VAL A 1 84 ? -6.293  -4.631  -7.327  1.00 6.56  ? 170 VAL A CG2 1 
ATOM   713 N N   . MET A 1 85 ? -10.170 -3.614  -9.377  1.00 9.26  ? 171 MET A N   1 
ATOM   714 C CA  . MET A 1 85 ? -11.521 -3.671  -9.863  1.00 9.45  ? 171 MET A CA  1 
ATOM   715 C C   . MET A 1 85 ? -11.860 -4.998  -10.464 1.00 13.24 ? 171 MET A C   1 
ATOM   716 O O   . MET A 1 85 ? -12.998 -5.178  -10.902 1.00 18.75 ? 171 MET A O   1 
ATOM   717 C CB  . MET A 1 85 ? -11.738 -2.563  -10.897 1.00 12.19 ? 171 MET A CB  1 
ATOM   718 C CG  . MET A 1 85 ? -11.598 -1.212  -10.228 1.00 9.75  ? 171 MET A CG  1 
ATOM   719 S SD  . MET A 1 85 ? -13.034 -0.973  -9.162  1.00 15.31 ? 171 MET A SD  1 
ATOM   720 C CE  . MET A 1 85 ? -12.325 -0.061  -7.839  1.00 11.02 ? 171 MET A CE  1 
ATOM   721 N N   . ASP A 1 86 ? -10.916 -5.944  -10.533 1.00 11.83 ? 172 ASP A N   1 
ATOM   722 C CA  . ASP A 1 86 ? -11.151 -7.321  -11.013 1.00 11.68 ? 172 ASP A CA  1 
ATOM   723 C C   . ASP A 1 86 ? -12.131 -7.959  -10.068 1.00 7.34  ? 172 ASP A C   1 
ATOM   724 O O   . ASP A 1 86 ? -11.955 -7.835  -8.859  1.00 11.90 ? 172 ASP A O   1 
ATOM   725 C CB  . ASP A 1 86 ? -9.929  -8.244  -10.962 1.00 9.22  ? 172 ASP A CB  1 
ATOM   726 C CG  . ASP A 1 86 ? -8.796  -7.942  -11.907 1.00 13.28 ? 172 ASP A CG  1 
ATOM   727 O OD1 . ASP A 1 86 ? -8.916  -7.048  -12.747 1.00 16.31 ? 172 ASP A OD1 1 
ATOM   728 O OD2 . ASP A 1 86 ? -7.787  -8.643  -11.795 1.00 12.47 ? 172 ASP A OD2 1 
ATOM   729 N N   . PHE A 1 87 ? -13.122 -8.597  -10.654 1.00 7.69  ? 173 PHE A N   1 
ATOM   730 C CA  . PHE A 1 87 ? -14.108 -9.224  -9.840  1.00 14.53 ? 173 PHE A CA  1 
ATOM   731 C C   . PHE A 1 87 ? -13.608 -10.626 -9.479  1.00 12.53 ? 173 PHE A C   1 
ATOM   732 O O   . PHE A 1 87 ? -13.724 -11.023 -8.311  1.00 17.43 ? 173 PHE A O   1 
ATOM   733 C CB  . PHE A 1 87 ? -15.448 -9.232  -10.598 1.00 13.84 ? 173 PHE A CB  1 
ATOM   734 C CG  . PHE A 1 87 ? -16.485 -9.885  -9.706  1.00 20.92 ? 173 PHE A CG  1 
ATOM   735 C CD1 . PHE A 1 87 ? -17.088 -9.159  -8.674  1.00 28.35 ? 173 PHE A CD1 1 
ATOM   736 C CD2 . PHE A 1 87 ? -16.820 -11.232 -9.880  1.00 21.91 ? 173 PHE A CD2 1 
ATOM   737 C CE1 . PHE A 1 87 ? -18.017 -9.785  -7.827  1.00 22.19 ? 173 PHE A CE1 1 
ATOM   738 C CE2 . PHE A 1 87 ? -17.751 -11.848 -9.027  1.00 21.41 ? 173 PHE A CE2 1 
ATOM   739 C CZ  . PHE A 1 87 ? -18.349 -11.133 -8.000  1.00 23.57 ? 173 PHE A CZ  1 
ATOM   740 N N   . TYR A 1 88 ? -13.007 -11.338 -10.421 1.00 8.12  ? 174 TYR A N   1 
ATOM   741 C CA  . TYR A 1 88 ? -12.459 -12.651 -10.231 1.00 6.57  ? 174 TYR A CA  1 
ATOM   742 C C   . TYR A 1 88 ? -10.965 -12.611 -10.038 1.00 10.42 ? 174 TYR A C   1 
ATOM   743 O O   . TYR A 1 88 ? -10.333 -13.676 -10.004 1.00 16.92 ? 174 TYR A O   1 
ATOM   744 C CB  . TYR A 1 88 ? -12.753 -13.530 -11.426 1.00 8.56  ? 174 TYR A CB  1 
ATOM   745 C CG  . TYR A 1 88 ? -14.232 -13.757 -11.577 1.00 11.74 ? 174 TYR A CG  1 
ATOM   746 C CD1 . TYR A 1 88 ? -14.849 -14.684 -10.753 1.00 20.76 ? 174 TYR A CD1 1 
ATOM   747 C CD2 . TYR A 1 88 ? -14.957 -13.048 -12.537 1.00 15.44 ? 174 TYR A CD2 1 
ATOM   748 C CE1 . TYR A 1 88 ? -16.209 -14.919 -10.887 1.00 20.05 ? 174 TYR A CE1 1 
ATOM   749 C CE2 . TYR A 1 88 ? -16.311 -13.278 -12.661 1.00 12.49 ? 174 TYR A CE2 1 
ATOM   750 C CZ  . TYR A 1 88 ? -16.929 -14.212 -11.846 1.00 14.25 ? 174 TYR A CZ  1 
ATOM   751 O OH  . TYR A 1 88 ? -18.298 -14.472 -12.016 1.00 28.89 ? 174 TYR A OH  1 
ATOM   752 O OXT . TYR A 1 88 ? -10.406 -11.534 -9.876  1.00 13.28 ? 174 TYR A OXT 1 
HETATM 753 O O   . HOH B 2 .  ? -10.819 -10.247 3.700   1.00 25.25 ? 200 HOH A O   1 
HETATM 754 O O   . HOH B 2 .  ? -17.800 1.166   0.334   1.00 33.82 ? 202 HOH A O   1 
HETATM 755 O O   . HOH B 2 .  ? 1.346   5.596   8.572   1.00 17.58 ? 203 HOH A O   1 
HETATM 756 O O   . HOH B 2 .  ? 6.798   9.853   12.561  1.00 23.46 ? 204 HOH A O   1 
HETATM 757 O O   . HOH B 2 .  ? 9.669   -3.314  5.016   1.00 11.32 ? 207 HOH A O   1 
HETATM 758 O O   . HOH B 2 .  ? 11.273  0.385   9.370   1.00 9.68  ? 208 HOH A O   1 
HETATM 759 O O   . HOH B 2 .  ? -9.007  6.620   2.387   1.00 20.06 ? 215 HOH A O   1 
HETATM 760 O O   . HOH B 2 .  ? -15.689 4.639   -2.172  1.00 30.36 ? 217 HOH A O   1 
HETATM 761 O O   . HOH B 2 .  ? -9.983  15.501  -12.093 1.00 24.64 ? 219 HOH A O   1 
HETATM 762 O O   . HOH B 2 .  ? -10.556 8.155   -4.084  1.00 45.20 ? 221 HOH A O   1 
HETATM 763 O O   . HOH B 2 .  ? 11.776  8.255   0.919   1.00 13.27 ? 226 HOH A O   1 
HETATM 764 O O   . HOH B 2 .  ? 18.232  4.050   8.325   1.00 20.04 ? 228 HOH A O   1 
HETATM 765 O O   . HOH B 2 .  ? -10.187 -9.736  -7.743  1.00 22.77 ? 232 HOH A O   1 
HETATM 766 O O   . HOH B 2 .  ? -8.300  -3.871  -11.852 1.00 29.91 ? 233 HOH A O   1 
HETATM 767 O O   . HOH B 2 .  ? 7.381   -0.910  -2.111  1.00 11.56 ? 234 HOH A O   1 
HETATM 768 O O   . HOH B 2 .  ? 9.009   0.278   -4.681  1.00 14.67 ? 235 HOH A O   1 
HETATM 769 O O   . HOH B 2 .  ? 5.135   16.544  -9.775  1.00 42.70 ? 236 HOH A O   1 
HETATM 770 O O   . HOH B 2 .  ? 4.038   -12.273 12.447  1.00 40.14 ? 240 HOH A O   1 
HETATM 771 O O   . HOH B 2 .  ? 8.045   -10.736 6.836   1.00 16.44 ? 241 HOH A O   1 
HETATM 772 O O   . HOH B 2 .  ? -1.925  -12.120 0.963   1.00 25.65 ? 243 HOH A O   1 
HETATM 773 O O   . HOH B 2 .  ? 17.814  0.147   5.171   1.00 32.50 ? 246 HOH A O   1 
HETATM 774 O O   . HOH B 2 .  ? -14.121 1.163   -0.130  1.00 34.51 ? 248 HOH A O   1 
HETATM 775 O O   . HOH B 2 .  ? -7.849  7.581   4.506   1.00 33.03 ? 249 HOH A O   1 
HETATM 776 O O   . HOH B 2 .  ? -16.800 -2.175  -1.917  1.00 22.22 ? 250 HOH A O   1 
HETATM 777 O O   . HOH B 2 .  ? -3.302  -4.052  11.710  1.00 21.93 ? 254 HOH A O   1 
HETATM 778 O O   . HOH B 2 .  ? -9.649  -3.928  13.715  1.00 22.61 ? 255 HOH A O   1 
HETATM 779 O O   . HOH B 2 .  ? 8.209   8.440   4.336   1.00 22.52 ? 258 HOH A O   1 
HETATM 780 O O   . HOH B 2 .  ? -11.901 1.389   11.243  1.00 22.65 ? 261 HOH A O   1 
HETATM 781 O O   . HOH B 2 .  ? 3.354   13.386  -4.897  1.00 31.03 ? 262 HOH A O   1 
HETATM 782 O O   . HOH B 2 .  ? 4.897   -11.688 -2.765  1.00 33.21 ? 272 HOH A O   1 
HETATM 783 O O   . HOH B 2 .  ? -6.908  -15.874 2.433   1.00 36.59 ? 274 HOH A O   1 
HETATM 784 O O   . HOH B 2 .  ? 3.354   -12.712 0.829   1.00 24.75 ? 275 HOH A O   1 
HETATM 785 O O   . HOH B 2 .  ? 8.527   -4.653  18.702  1.00 27.90 ? 279 HOH A O   1 
HETATM 786 O O   . HOH B 2 .  ? 8.781   10.409  7.183   1.00 29.86 ? 282 HOH A O   1 
HETATM 787 O O   . HOH B 2 .  ? 14.483  -4.014  10.288  1.00 25.14 ? 283 HOH A O   1 
HETATM 788 O O   . HOH B 2 .  ? 12.721  -7.796  15.153  1.00 26.31 ? 284 HOH A O   1 
HETATM 789 O O   . HOH B 2 .  ? -5.557  -9.288  7.594   1.00 21.78 ? 286 HOH A O   1 
HETATM 790 O O   . HOH B 2 .  ? -11.779 -8.826  1.172   1.00 28.89 ? 287 HOH A O   1 
HETATM 791 O O   . HOH B 2 .  ? -3.274  11.837  -10.892 1.00 21.36 ? 288 HOH A O   1 
HETATM 792 O O   . HOH B 2 .  ? 1.959   -8.054  -10.940 1.00 34.84 ? 289 HOH A O   1 
HETATM 793 O O   . HOH B 2 .  ? -1.583  -13.105 5.173   1.00 32.82 ? 290 HOH A O   1 
HETATM 794 O O   . HOH B 2 .  ? 0.049   -12.333 3.195   1.00 28.74 ? 291 HOH A O   1 
HETATM 795 O O   . HOH B 2 .  ? 11.888  -8.784  -2.929  1.00 29.50 ? 292 HOH A O   1 
HETATM 796 O O   . HOH B 2 .  ? 10.716  -10.994 -1.985  1.00 29.21 ? 293 HOH A O   1 
HETATM 797 O O   . HOH B 2 .  ? 19.786  2.829   6.501   1.00 38.41 ? 294 HOH A O   1 
HETATM 798 O O   . HOH B 2 .  ? -6.743  9.739   -1.672  1.00 38.02 ? 297 HOH A O   1 
HETATM 799 O O   . HOH B 2 .  ? -5.729  9.873   -11.483 1.00 34.11 ? 298 HOH A O   1 
HETATM 800 O O   . HOH B 2 .  ? 13.294  1.325   1.166   1.00 24.44 ? 300 HOH A O   1 
HETATM 801 O O   . HOH B 2 .  ? -11.480 -12.581 -6.293  1.00 25.72 ? 310 HOH A O   1 
HETATM 802 O O   . HOH B 2 .  ? 2.425   15.497  8.841   1.00 38.70 ? 311 HOH A O   1 
HETATM 803 O O   . HOH B 2 .  ? 8.122   5.202   14.701  1.00 32.15 ? 312 HOH A O   1 
HETATM 804 O O   . HOH B 2 .  ? 1.829   0.077   15.568  1.00 22.96 ? 316 HOH A O   1 
HETATM 805 O O   . HOH B 2 .  ? -0.204  1.862   15.123  1.00 45.34 ? 317 HOH A O   1 
HETATM 806 O O   . HOH B 2 .  ? -11.792 5.644   -3.946  1.00 21.31 ? 318 HOH A O   1 
HETATM 807 O O   . HOH B 2 .  ? 13.984  3.118   3.772   1.00 24.78 ? 319 HOH A O   1 
HETATM 808 O O   . HOH B 2 .  ? 6.127   -5.523  -10.347 1.00 27.55 ? 320 HOH A O   1 
HETATM 809 O O   . HOH B 2 .  ? 5.659   -3.619  -12.396 1.00 29.87 ? 321 HOH A O   1 
HETATM 810 O O   . HOH B 2 .  ? 15.894  -5.396  0.077   1.00 34.49 ? 324 HOH A O   1 
HETATM 811 O O   . HOH B 2 .  ? -11.090 -4.806  -14.660 1.00 31.40 ? 325 HOH A O   1 
HETATM 812 O O   . HOH B 2 .  ? 11.347  -3.474  19.334  1.00 40.98 ? 326 HOH A O   1 
HETATM 813 O O   . HOH B 2 .  ? -6.296  7.828   7.528   1.00 29.61 ? 329 HOH A O   1 
HETATM 814 O O   . HOH B 2 .  ? -16.940 2.818   -3.633  1.00 23.47 ? 330 HOH A O   1 
HETATM 815 O O   . HOH B 2 .  ? 8.994   7.574   -2.665  1.00 32.17 ? 333 HOH A O   1 
HETATM 816 O O   . HOH B 2 .  ? -1.767  2.923   -14.357 1.00 39.42 ? 334 HOH A O   1 
HETATM 817 O O   . HOH B 2 .  ? 3.804   -10.817 6.360   1.00 27.42 ? 336 HOH A O   1 
HETATM 818 O O   . HOH B 2 .  ? -10.721 10.642  -14.383 1.00 33.93 ? 337 HOH A O   1 
HETATM 819 O O   . HOH B 2 .  ? -17.166 9.420   5.704   1.00 35.36 ? 339 HOH A O   1 
HETATM 820 O O   . HOH B 2 .  ? -6.492  -1.256  19.262  1.00 27.03 ? 340 HOH A O   1 
HETATM 821 O O   . HOH B 2 .  ? 8.096   5.524   6.924   1.00 15.58 ? 341 HOH A O   1 
HETATM 822 O O   . HOH B 2 .  ? 11.279  -5.844  13.327  1.00 23.84 ? 342 HOH A O   1 
HETATM 823 O O   . HOH B 2 .  ? -9.401  1.794   -8.695  1.00 16.56 ? 343 HOH A O   1 
HETATM 824 O O   . HOH B 2 .  ? 5.760   -3.425  22.245  1.00 32.69 ? 347 HOH A O   1 
HETATM 825 O O   . HOH B 2 .  ? -24.416 -7.367  3.049   1.00 28.95 ? 348 HOH A O   1 
HETATM 826 O O   . HOH B 2 .  ? 2.263   8.094   9.132   1.00 37.13 ? 349 HOH A O   1 
HETATM 827 O O   . HOH B 2 .  ? 3.409   10.110  -3.592  1.00 15.36 ? 350 HOH A O   1 
HETATM 828 O O   . HOH B 2 .  ? 7.898   16.240  3.131   1.00 30.31 ? 351 HOH A O   1 
HETATM 829 O O   . HOH B 2 .  ? -5.792  -3.442  -11.094 1.00 23.39 ? 352 HOH A O   1 
HETATM 830 O O   . HOH B 2 .  ? 11.084  -2.744  -6.028  1.00 22.85 ? 353 HOH A O   1 
HETATM 831 O O   . HOH B 2 .  ? -11.716 -8.267  -6.134  1.00 39.53 ? 354 HOH A O   1 
HETATM 832 O O   . HOH B 2 .  ? -7.514  8.104   -8.345  1.00 26.93 ? 355 HOH A O   1 
HETATM 833 O O   . HOH B 2 .  ? 16.584  4.632   4.801   1.00 26.32 ? 356 HOH A O   1 
# 
